data_5HE1
#
_entry.id   5HE1
#
_cell.length_a   62.023
_cell.length_b   241.364
_cell.length_c   212.970
_cell.angle_alpha   90.000
_cell.angle_beta   90.000
_cell.angle_gamma   90.000
#
_symmetry.space_group_name_H-M   'C 2 2 21'
#
loop_
_entity.id
_entity.type
_entity.pdbx_description
1 polymer 'Beta-adrenergic receptor kinase 1'
2 polymer 'Guanine nucleotide-binding protein G(I)/G(S)/G(T) subunit beta-1'
3 polymer 'Guanine nucleotide-binding protein G(I)/G(S)/G(O) subunit gamma-2'
4 non-polymer (4~{S})-4-[4-fluoranyl-3-(isoquinolin-1-ylmethylcarbamoyl)phenyl]-~{N}-(1~{H}-indazol-5-yl)-6-methyl-2-oxidanylidene-3,4-dihydro-1~{H}-pyrimidine-5-carboxamide
5 non-polymer 'MAGNESIUM ION'
6 water water
#
loop_
_entity_poly.entity_id
_entity_poly.type
_entity_poly.pdbx_seq_one_letter_code
_entity_poly.pdbx_strand_id
1 'polypeptide(L)'
;SKKILLPEPSIRSVMQKYLEDRGEVTFEKIFSQKLGYLLFRDFCLNHLEEARPLVEFYEEIKKYEKLETEEERVARSREI
FDSYIMKELLACSHPFSKSATEHVQGHLGKKQVPPDLFQPYIEEICQNLRGDVFQKFIESDKFTRFCQWKNVELNIHLTM
NDFSVHRIIGRGGFGEVYGCRKADTGKMYAMKCLDKKRIKMKQGETLALNERIMLSLVSTGDCPFIVCMSYAFHTPDKLS
FILDLMNGGDLHYHLSQHGVFSEADMRFYAAEIILGLEHMHNRFVVYRDLKPANILLDEHGHVRISDLGLACDFSKKKPH
ASVGTHGYMAPEVLQKGVAYDSSADWFSLGCMLFKLLRGHSPFRQHKTKDKHEIDRMTLTMAVELPDSFSPELRSLLEGL
LQRDVNRRLGCLGRGAQEVKESPFFRSLDWQMVFLQKYPPPLIPPRGEVNAADAFDIGSFDEEDTKGIKLLDSDQELYRN
FPLTISERWQQEVAETVFDTINAETDRLEARKKAKNKQLGHEEDYALGKDCIMHGYMSKMGNPFLTQWQRRYFYLFPNRL
EWRGEGEAPQSLLTMEEIQSVEETQIKERKCLLLKIRGGKQFILQCDSDPELVQWKKELRDAYREAQQLVQRVPKMKNKP
RA
;
A
2 'polypeptide(L)'
;SELDQLRQEAEQLKNQIRDARKACADATLSQITNNIDPVGRIQMRTRRTLRGHLAKIYAMHWGTDSRLLVSASQDGKLII
WDSYTTNKVHAIPLRSSWVMTCAYAPSGNYVACGGLDNICSIYNLKTREGNVRVSRELAGHTGYLSCCRFLDDNQIVTSS
GDTTCALWDIETGQQTTTFTGHTGDVMSLSLAPDTRLFVSGACDASAKLWDVREGMCRQTFTGHESDINAICFFPNGNAF
ATGSDDATCRLFDLRADQELMTYSHDNIICGITSVSFSKSGRLLLAGYDDFNCNVWDALKADRAGVLAGHDNRVSCLGVT
DDGMAVATGSWDSFLKIWN
;
B
3 'polypeptide(L)' MASNNTASIAQARKLVEQLKMEANIDRIKVSKAAADLMAYCEAHAKEDPLLTPVPASENPFREKKFFSAIL G
#
# COMPACT_ATOMS: atom_id res chain seq x y z
N SER A 1 -19.56 -1.15 24.65
CA SER A 1 -19.74 -2.15 23.55
C SER A 1 -20.28 -1.50 22.30
N LYS A 2 -21.51 -0.98 22.40
CA LYS A 2 -22.39 -0.77 21.24
C LYS A 2 -22.26 0.52 20.44
N LYS A 3 -21.44 1.47 20.91
CA LYS A 3 -21.13 2.66 20.10
C LYS A 3 -19.93 2.43 19.18
N ILE A 4 -19.69 3.38 18.29
CA ILE A 4 -18.58 3.31 17.33
C ILE A 4 -17.30 3.67 18.04
N LEU A 5 -16.25 2.90 17.79
CA LEU A 5 -14.91 3.34 18.17
C LEU A 5 -14.04 3.45 16.94
N LEU A 6 -13.41 4.61 16.77
CA LEU A 6 -12.51 4.81 15.66
C LEU A 6 -11.14 4.13 15.91
N PRO A 7 -10.53 3.62 14.84
CA PRO A 7 -9.17 3.10 14.99
C PRO A 7 -8.18 4.24 15.20
N GLU A 8 -6.99 3.89 15.69
CA GLU A 8 -5.93 4.86 15.97
C GLU A 8 -5.31 5.40 14.68
N PRO A 9 -4.83 6.62 14.71
CA PRO A 9 -4.29 7.27 13.51
C PRO A 9 -3.21 6.48 12.74
N SER A 10 -2.47 5.61 13.45
CA SER A 10 -1.55 4.60 12.84
C SER A 10 -2.14 3.98 11.56
N ILE A 11 -3.47 3.85 11.59
CA ILE A 11 -4.27 3.34 10.49
C ILE A 11 -4.09 4.13 9.20
N ARG A 12 -3.59 5.35 9.29
CA ARG A 12 -3.39 6.17 8.11
C ARG A 12 -2.41 5.54 7.10
N SER A 13 -1.31 4.98 7.61
CA SER A 13 -0.35 4.35 6.74
C SER A 13 -1.03 3.33 5.88
N VAL A 14 -1.94 2.58 6.45
CA VAL A 14 -2.47 1.46 5.71
C VAL A 14 -3.60 1.82 4.76
N MET A 15 -4.44 2.75 5.16
CA MET A 15 -5.67 3.03 4.44
C MET A 15 -5.37 3.87 3.25
N GLN A 16 -4.37 4.72 3.42
CA GLN A 16 -4.01 5.68 2.39
C GLN A 16 -3.49 4.94 1.18
N LYS A 17 -2.81 3.82 1.42
CA LYS A 17 -2.33 2.98 0.33
C LYS A 17 -3.49 2.21 -0.22
N TYR A 18 -4.36 1.71 0.64
CA TYR A 18 -5.61 1.06 0.20
C TYR A 18 -6.46 1.92 -0.72
N LEU A 19 -6.51 3.20 -0.44
CA LEU A 19 -7.30 4.10 -1.28
C LEU A 19 -6.51 4.51 -2.54
N GLU A 20 -5.26 4.96 -2.36
CA GLU A 20 -4.39 5.26 -3.50
C GLU A 20 -4.48 4.11 -4.51
N ASP A 21 -4.52 2.87 -4.03
CA ASP A 21 -4.69 1.69 -4.89
C ASP A 21 -5.97 1.70 -5.74
N ARG A 22 -6.92 2.56 -5.42
CA ARG A 22 -8.22 2.51 -6.06
C ARG A 22 -8.64 3.84 -6.72
N GLY A 23 -7.66 4.74 -6.84
CA GLY A 23 -7.91 6.08 -7.32
C GLY A 23 -8.94 6.79 -6.47
N GLU A 24 -9.02 6.40 -5.20
CA GLU A 24 -10.02 6.95 -4.29
C GLU A 24 -9.54 8.23 -3.60
N VAL A 25 -8.33 8.70 -3.86
CA VAL A 25 -7.81 9.84 -3.12
C VAL A 25 -7.82 11.13 -3.93
N THR A 26 -8.58 11.16 -5.02
CA THR A 26 -8.76 12.41 -5.77
C THR A 26 -9.43 13.43 -4.86
N PHE A 27 -9.28 14.70 -5.16
CA PHE A 27 -10.13 15.73 -4.56
C PHE A 27 -11.60 15.42 -4.91
N GLU A 28 -11.84 15.09 -6.19
CA GLU A 28 -13.18 14.87 -6.73
C GLU A 28 -13.94 13.81 -5.94
N LYS A 29 -13.29 12.70 -5.58
CA LYS A 29 -13.93 11.55 -4.88
C LYS A 29 -14.24 11.81 -3.43
N ILE A 30 -13.33 12.50 -2.75
CA ILE A 30 -13.53 12.90 -1.35
C ILE A 30 -14.50 14.07 -1.12
N PHE A 31 -14.52 15.03 -2.03
CA PHE A 31 -15.41 16.16 -1.89
C PHE A 31 -16.86 15.75 -1.92
N SER A 32 -17.18 14.73 -2.74
CA SER A 32 -18.53 14.23 -3.00
C SER A 32 -19.11 13.30 -1.98
N GLN A 33 -18.40 13.07 -0.89
CA GLN A 33 -18.87 12.23 0.21
C GLN A 33 -19.15 13.09 1.41
N LYS A 34 -20.26 12.80 2.08
CA LYS A 34 -20.66 13.67 3.14
C LYS A 34 -19.45 13.87 4.11
N LEU A 35 -18.94 12.78 4.66
CA LEU A 35 -17.94 12.89 5.72
C LEU A 35 -16.68 13.55 5.23
N GLY A 36 -16.35 13.30 3.97
CA GLY A 36 -15.17 13.90 3.36
C GLY A 36 -15.33 15.40 3.36
N TYR A 37 -16.34 15.86 2.63
CA TYR A 37 -16.72 17.26 2.61
C TYR A 37 -16.61 17.86 4.02
N LEU A 38 -17.19 17.21 5.00
CA LEU A 38 -17.19 17.80 6.32
C LEU A 38 -15.80 18.01 6.85
N LEU A 39 -14.98 16.99 6.77
CA LEU A 39 -13.62 17.08 7.27
C LEU A 39 -12.80 18.13 6.49
N PHE A 40 -12.98 18.11 5.17
CA PHE A 40 -12.30 19.03 4.28
C PHE A 40 -12.65 20.45 4.64
N ARG A 41 -13.94 20.68 4.82
CA ARG A 41 -14.44 21.97 5.21
C ARG A 41 -13.83 22.41 6.53
N ASP A 42 -13.83 21.56 7.56
CA ASP A 42 -13.24 21.97 8.85
C ASP A 42 -11.86 22.46 8.54
N PHE A 43 -11.11 21.65 7.81
CA PHE A 43 -9.74 21.99 7.51
C PHE A 43 -9.58 23.41 7.03
N CYS A 44 -10.30 23.75 5.96
CA CYS A 44 -10.11 25.03 5.29
C CYS A 44 -10.51 26.21 6.15
N LEU A 45 -11.67 26.14 6.75
CA LEU A 45 -12.15 27.25 7.53
C LEU A 45 -11.21 27.48 8.74
N ASN A 46 -11.03 26.45 9.57
CA ASN A 46 -10.32 26.61 10.83
C ASN A 46 -8.79 26.59 10.75
N HIS A 47 -8.20 25.78 9.85
CA HIS A 47 -6.73 25.49 9.85
C HIS A 47 -5.89 26.14 8.73
N LEU A 48 -6.53 26.66 7.70
CA LEU A 48 -5.77 27.17 6.58
C LEU A 48 -6.39 28.45 6.02
N GLU A 49 -5.93 29.58 6.54
CA GLU A 49 -6.45 30.91 6.22
C GLU A 49 -6.45 31.25 4.71
N GLU A 50 -5.58 30.57 3.97
CA GLU A 50 -5.45 30.80 2.54
C GLU A 50 -6.73 30.38 1.80
N ALA A 51 -7.40 29.34 2.30
CA ALA A 51 -8.60 28.74 1.66
C ALA A 51 -9.92 28.94 2.39
N ARG A 52 -9.90 29.36 3.65
CA ARG A 52 -11.12 29.69 4.37
C ARG A 52 -12.09 30.44 3.44
N PRO A 53 -11.74 31.67 3.05
CA PRO A 53 -12.64 32.49 2.24
C PRO A 53 -13.20 31.81 0.99
N LEU A 54 -12.41 30.92 0.39
CA LEU A 54 -12.83 30.16 -0.81
C LEU A 54 -14.02 29.24 -0.57
N VAL A 55 -14.08 28.63 0.60
CA VAL A 55 -15.16 27.73 0.93
C VAL A 55 -16.37 28.51 1.43
N GLU A 56 -16.09 29.44 2.34
CA GLU A 56 -17.14 30.30 2.88
C GLU A 56 -18.04 30.77 1.77
N PHE A 57 -17.37 31.11 0.68
CA PHE A 57 -17.96 31.60 -0.53
C PHE A 57 -18.77 30.47 -1.13
N TYR A 58 -18.11 29.34 -1.40
CA TYR A 58 -18.79 28.12 -1.86
C TYR A 58 -20.12 27.87 -1.11
N GLU A 59 -20.06 27.94 0.22
CA GLU A 59 -21.26 27.72 1.03
C GLU A 59 -22.26 28.84 0.94
N GLU A 60 -21.83 30.07 1.19
CA GLU A 60 -22.72 31.21 0.99
C GLU A 60 -23.39 31.17 -0.38
N ILE A 61 -22.69 30.68 -1.39
CA ILE A 61 -23.27 30.43 -2.70
C ILE A 61 -24.31 29.34 -2.61
N LYS A 62 -23.94 28.22 -1.99
CA LYS A 62 -24.84 27.03 -1.83
C LYS A 62 -26.23 27.39 -1.29
N LYS A 63 -26.23 28.03 -0.13
CA LYS A 63 -27.44 28.44 0.55
C LYS A 63 -28.34 29.25 -0.38
N TYR A 64 -27.69 30.09 -1.21
CA TYR A 64 -28.38 30.95 -2.16
C TYR A 64 -29.15 30.15 -3.21
N GLU A 65 -28.77 28.91 -3.46
CA GLU A 65 -29.55 28.09 -4.37
C GLU A 65 -30.81 27.51 -3.73
N LYS A 66 -30.84 27.39 -2.39
CA LYS A 66 -32.09 26.95 -1.69
C LYS A 66 -33.09 28.09 -1.51
N LEU A 67 -32.65 29.35 -1.64
CA LEU A 67 -33.51 30.49 -1.36
C LEU A 67 -34.72 30.48 -2.28
N GLU A 68 -35.89 30.69 -1.67
CA GLU A 68 -37.15 30.36 -2.32
C GLU A 68 -37.57 31.35 -3.41
N THR A 69 -37.32 32.65 -3.21
CA THR A 69 -37.86 33.70 -4.13
C THR A 69 -36.79 34.56 -4.85
N GLU A 70 -37.21 35.32 -5.86
CA GLU A 70 -36.29 36.22 -6.62
C GLU A 70 -35.96 37.48 -5.83
N GLU A 71 -36.81 37.84 -4.87
CA GLU A 71 -36.60 38.99 -3.99
C GLU A 71 -35.69 38.61 -2.83
N GLU A 72 -35.79 37.36 -2.36
CA GLU A 72 -34.79 36.77 -1.45
C GLU A 72 -33.44 36.60 -2.14
N ARG A 73 -33.43 36.42 -3.47
CA ARG A 73 -32.21 36.22 -4.27
C ARG A 73 -31.45 37.49 -4.62
N VAL A 74 -32.09 38.38 -5.35
CA VAL A 74 -31.50 39.68 -5.67
C VAL A 74 -31.00 40.39 -4.41
N ALA A 75 -31.72 40.22 -3.30
CA ALA A 75 -31.26 40.70 -2.01
C ALA A 75 -29.96 40.00 -1.62
N ARG A 76 -29.97 38.68 -1.63
CA ARG A 76 -28.78 37.91 -1.24
C ARG A 76 -27.65 38.13 -2.21
N SER A 77 -27.93 38.04 -3.51
CA SER A 77 -26.91 38.11 -4.54
C SER A 77 -26.10 39.41 -4.51
N ARG A 78 -26.74 40.53 -4.19
CA ARG A 78 -25.97 41.74 -3.92
C ARG A 78 -25.00 41.51 -2.77
N GLU A 79 -25.51 41.02 -1.64
CA GLU A 79 -24.69 40.83 -0.43
C GLU A 79 -23.52 39.92 -0.72
N ILE A 80 -23.82 38.74 -1.29
CA ILE A 80 -22.79 37.81 -1.75
C ILE A 80 -21.80 38.55 -2.64
N PHE A 81 -22.32 39.24 -3.67
CA PHE A 81 -21.45 39.93 -4.62
C PHE A 81 -20.56 40.94 -3.91
N ASP A 82 -21.21 41.93 -3.29
CA ASP A 82 -20.56 42.92 -2.44
C ASP A 82 -19.47 42.29 -1.55
N SER A 83 -19.84 41.22 -0.85
CA SER A 83 -18.99 40.62 0.18
C SER A 83 -17.85 39.68 -0.30
N TYR A 84 -18.11 38.87 -1.33
CA TYR A 84 -17.12 37.87 -1.78
C TYR A 84 -16.51 38.14 -3.16
N ILE A 85 -17.26 38.73 -4.09
CA ILE A 85 -16.68 39.06 -5.39
C ILE A 85 -16.02 40.46 -5.38
N MET A 86 -16.82 41.48 -5.06
CA MET A 86 -16.39 42.87 -5.20
C MET A 86 -15.17 43.16 -4.35
N LYS A 87 -15.30 43.13 -3.03
CA LYS A 87 -14.19 43.54 -2.15
C LYS A 87 -12.83 43.04 -2.61
N GLU A 88 -12.77 41.78 -3.04
CA GLU A 88 -11.52 41.14 -3.52
C GLU A 88 -10.96 41.75 -4.82
N LEU A 89 -11.84 42.23 -5.71
CA LEU A 89 -11.41 42.94 -6.92
C LEU A 89 -10.64 44.19 -6.58
N LEU A 90 -11.06 44.89 -5.53
CA LEU A 90 -10.44 46.15 -5.12
C LEU A 90 -9.04 45.97 -4.53
N ALA A 91 -8.78 44.85 -3.88
CA ALA A 91 -7.43 44.54 -3.37
C ALA A 91 -6.62 43.64 -4.32
N CYS A 92 -7.23 43.27 -5.45
CA CYS A 92 -6.61 42.47 -6.52
C CYS A 92 -6.23 41.03 -6.14
N SER A 93 -6.90 40.52 -5.11
CA SER A 93 -6.75 39.14 -4.70
C SER A 93 -8.09 38.44 -4.94
N HIS A 94 -8.44 38.34 -6.21
CA HIS A 94 -9.62 37.62 -6.65
C HIS A 94 -9.16 36.74 -7.80
N PRO A 95 -8.74 35.49 -7.51
CA PRO A 95 -8.19 34.63 -8.56
C PRO A 95 -9.27 33.78 -9.23
N PHE A 96 -10.04 34.42 -10.13
CA PHE A 96 -11.08 33.77 -10.95
C PHE A 96 -11.17 34.46 -12.33
N SER A 97 -11.39 33.66 -13.38
CA SER A 97 -11.51 34.20 -14.75
C SER A 97 -12.58 35.28 -14.85
N LYS A 98 -12.24 36.36 -15.56
CA LYS A 98 -13.16 37.48 -15.67
C LYS A 98 -14.45 37.13 -16.44
N SER A 99 -14.38 36.11 -17.30
CA SER A 99 -15.59 35.59 -17.96
C SER A 99 -16.58 35.10 -16.91
N ALA A 100 -16.06 34.49 -15.84
CA ALA A 100 -16.87 34.12 -14.68
C ALA A 100 -17.37 35.34 -13.91
N THR A 101 -16.48 36.29 -13.66
CA THR A 101 -16.79 37.47 -12.84
C THR A 101 -17.77 38.47 -13.52
N GLU A 102 -17.64 38.65 -14.83
CA GLU A 102 -18.59 39.49 -15.57
C GLU A 102 -19.88 38.75 -15.93
N HIS A 103 -19.83 37.42 -16.02
CA HIS A 103 -21.06 36.63 -16.19
C HIS A 103 -22.03 36.90 -15.04
N VAL A 104 -21.48 37.16 -13.86
CA VAL A 104 -22.27 37.53 -12.70
C VAL A 104 -22.62 39.02 -12.72
N GLN A 105 -21.60 39.87 -12.77
CA GLN A 105 -21.78 41.33 -12.80
C GLN A 105 -22.86 41.76 -13.80
N GLY A 106 -22.88 41.17 -14.98
CA GLY A 106 -23.86 41.51 -16.03
C GLY A 106 -25.30 41.32 -15.62
N HIS A 107 -25.57 40.21 -14.94
CA HIS A 107 -26.94 39.85 -14.55
C HIS A 107 -27.44 40.59 -13.33
N LEU A 108 -26.54 41.06 -12.48
CA LEU A 108 -26.95 41.76 -11.26
C LEU A 108 -27.56 43.12 -11.59
N GLY A 109 -26.83 43.90 -12.38
CA GLY A 109 -27.29 45.22 -12.84
C GLY A 109 -28.47 45.15 -13.80
N LYS A 110 -28.62 44.00 -14.46
CA LYS A 110 -29.77 43.68 -15.33
C LYS A 110 -30.86 42.81 -14.65
N LYS A 111 -30.81 42.74 -13.32
CA LYS A 111 -31.77 42.01 -12.48
C LYS A 111 -32.40 40.74 -13.12
N GLN A 112 -31.56 39.71 -13.25
CA GLN A 112 -31.98 38.36 -13.65
C GLN A 112 -31.20 37.35 -12.80
N VAL A 113 -31.86 36.83 -11.76
CA VAL A 113 -31.21 35.97 -10.75
C VAL A 113 -31.77 34.52 -10.71
N PRO A 114 -31.44 33.69 -11.72
CA PRO A 114 -31.79 32.28 -11.61
C PRO A 114 -30.93 31.62 -10.50
N PRO A 115 -31.31 30.42 -10.04
CA PRO A 115 -30.52 29.80 -8.96
C PRO A 115 -29.12 29.40 -9.44
N ASP A 116 -28.93 29.27 -10.75
CA ASP A 116 -27.63 28.94 -11.34
C ASP A 116 -26.78 30.16 -11.70
N LEU A 117 -27.05 31.31 -11.08
CA LEU A 117 -26.28 32.54 -11.34
C LEU A 117 -24.76 32.31 -11.26
N PHE A 118 -24.34 31.76 -10.11
CA PHE A 118 -22.93 31.57 -9.77
C PHE A 118 -22.30 30.23 -10.23
N GLN A 119 -22.88 29.56 -11.22
CA GLN A 119 -22.42 28.21 -11.61
C GLN A 119 -20.99 28.14 -12.21
N PRO A 120 -20.55 29.19 -12.92
CA PRO A 120 -19.14 29.21 -13.35
C PRO A 120 -18.19 29.44 -12.19
N TYR A 121 -18.68 30.04 -11.10
CA TYR A 121 -17.88 30.26 -9.91
C TYR A 121 -17.63 28.96 -9.12
N ILE A 122 -18.70 28.20 -8.87
CA ILE A 122 -18.53 26.91 -8.23
C ILE A 122 -17.35 26.25 -8.90
N GLU A 123 -17.55 25.95 -10.18
CA GLU A 123 -16.57 25.29 -11.03
C GLU A 123 -15.18 25.75 -10.71
N GLU A 124 -14.98 27.06 -10.76
CA GLU A 124 -13.66 27.62 -10.62
C GLU A 124 -13.12 27.56 -9.19
N ILE A 125 -14.01 27.64 -8.19
CA ILE A 125 -13.61 27.38 -6.80
C ILE A 125 -13.06 25.96 -6.68
N CYS A 126 -13.76 25.01 -7.27
CA CYS A 126 -13.31 23.64 -7.29
C CYS A 126 -11.94 23.49 -7.97
N GLN A 127 -11.70 24.20 -9.08
CA GLN A 127 -10.38 24.18 -9.71
C GLN A 127 -9.32 24.70 -8.74
N ASN A 128 -9.70 25.74 -7.99
CA ASN A 128 -8.80 26.37 -7.02
C ASN A 128 -8.56 25.54 -5.79
N LEU A 129 -9.58 24.81 -5.38
CA LEU A 129 -9.44 23.91 -4.23
C LEU A 129 -8.75 22.60 -4.54
N ARG A 130 -8.86 22.12 -5.78
CA ARG A 130 -8.22 20.88 -6.22
C ARG A 130 -6.71 20.92 -6.11
N GLY A 131 -6.11 19.76 -5.89
CA GLY A 131 -4.65 19.66 -5.96
C GLY A 131 -3.85 20.35 -4.86
N ASP A 132 -3.67 21.66 -4.98
CA ASP A 132 -2.66 22.34 -4.16
C ASP A 132 -3.07 22.59 -2.72
N VAL A 133 -4.29 23.06 -2.59
CA VAL A 133 -4.91 23.22 -1.30
C VAL A 133 -5.29 21.85 -0.77
N PHE A 134 -5.80 21.03 -1.68
CA PHE A 134 -6.05 19.63 -1.44
C PHE A 134 -4.84 18.90 -0.89
N GLN A 135 -3.64 19.31 -1.33
CA GLN A 135 -2.37 18.69 -0.92
C GLN A 135 -2.09 18.89 0.53
N LYS A 136 -2.23 20.13 0.97
CA LYS A 136 -1.95 20.45 2.35
C LYS A 136 -2.97 19.77 3.28
N PHE A 137 -4.15 19.42 2.72
CA PHE A 137 -5.23 18.66 3.41
C PHE A 137 -4.91 17.18 3.60
N ILE A 138 -4.30 16.57 2.60
CA ILE A 138 -3.82 15.21 2.74
C ILE A 138 -2.76 15.20 3.84
N GLU A 139 -1.77 16.09 3.71
CA GLU A 139 -0.73 16.24 4.71
C GLU A 139 -1.35 16.60 6.07
N SER A 140 -2.41 17.40 6.07
CA SER A 140 -3.16 17.72 7.31
C SER A 140 -3.64 16.45 7.96
N ASP A 141 -3.99 16.54 9.24
CA ASP A 141 -4.47 15.34 9.91
C ASP A 141 -5.99 15.26 9.93
N LYS A 142 -6.66 16.16 9.21
CA LYS A 142 -8.06 15.95 8.89
C LYS A 142 -8.19 14.76 8.00
N PHE A 143 -7.25 14.62 7.08
CA PHE A 143 -7.22 13.41 6.28
C PHE A 143 -6.88 12.16 7.06
N THR A 144 -6.20 12.31 8.19
CA THR A 144 -6.03 11.17 9.07
C THR A 144 -7.45 10.77 9.51
N ARG A 145 -8.21 11.75 9.99
CA ARG A 145 -9.54 11.43 10.49
C ARG A 145 -10.40 10.84 9.40
N PHE A 146 -10.21 11.27 8.16
CA PHE A 146 -10.98 10.72 7.07
C PHE A 146 -10.74 9.23 6.92
N CYS A 147 -9.48 8.82 7.04
CA CYS A 147 -9.13 7.41 6.89
C CYS A 147 -9.68 6.59 8.03
N GLN A 148 -9.75 7.20 9.18
CA GLN A 148 -10.32 6.54 10.31
C GLN A 148 -11.80 6.19 10.04
N TRP A 149 -12.62 7.19 9.75
CA TRP A 149 -14.05 6.93 9.45
C TRP A 149 -14.21 6.00 8.28
N LYS A 150 -13.28 6.10 7.34
CA LYS A 150 -13.37 5.30 6.15
C LYS A 150 -13.12 3.83 6.52
N ASN A 151 -12.16 3.59 7.39
CA ASN A 151 -11.89 2.22 7.83
C ASN A 151 -13.10 1.60 8.48
N VAL A 152 -13.86 2.40 9.19
CA VAL A 152 -15.01 1.85 9.89
C VAL A 152 -16.01 1.38 8.84
N GLU A 153 -16.18 2.22 7.82
CA GLU A 153 -17.17 2.01 6.78
C GLU A 153 -16.89 0.79 6.01
N LEU A 154 -15.62 0.60 5.71
CA LEU A 154 -15.23 -0.49 4.86
C LEU A 154 -15.13 -1.77 5.65
N ASN A 155 -15.36 -1.68 6.95
CA ASN A 155 -15.39 -2.87 7.77
C ASN A 155 -16.75 -3.24 8.38
N ILE A 156 -17.80 -2.71 7.81
CA ILE A 156 -19.13 -2.97 8.29
C ILE A 156 -19.58 -4.37 7.96
N HIS A 157 -19.76 -5.20 8.98
CA HIS A 157 -20.49 -6.44 8.83
C HIS A 157 -21.63 -6.45 9.83
N LEU A 158 -22.86 -6.51 9.35
CA LEU A 158 -23.99 -6.46 10.25
C LEU A 158 -24.53 -7.84 10.52
N THR A 159 -25.11 -7.96 11.72
CA THR A 159 -25.85 -9.13 12.13
C THR A 159 -27.14 -8.63 12.78
N MET A 160 -28.02 -9.54 13.23
CA MET A 160 -29.30 -9.10 13.82
C MET A 160 -29.08 -8.42 15.14
N ASN A 161 -27.82 -8.40 15.52
CA ASN A 161 -27.45 -8.13 16.85
C ASN A 161 -26.95 -6.72 16.96
N ASP A 162 -26.93 -6.02 15.83
CA ASP A 162 -26.49 -4.63 15.75
C ASP A 162 -27.68 -3.69 15.93
N PHE A 163 -28.89 -4.25 15.91
CA PHE A 163 -30.12 -3.51 16.13
C PHE A 163 -30.89 -4.12 17.23
N SER A 164 -31.57 -3.27 18.02
CA SER A 164 -32.64 -3.72 18.88
C SER A 164 -33.95 -3.71 18.08
N VAL A 165 -34.60 -4.87 18.05
CA VAL A 165 -35.79 -5.02 17.26
C VAL A 165 -37.02 -4.76 18.11
N HIS A 166 -38.02 -4.09 17.53
CA HIS A 166 -39.28 -3.77 18.20
C HIS A 166 -40.46 -4.46 17.52
N ARG A 167 -41.64 -3.88 17.71
CA ARG A 167 -42.88 -4.38 17.14
C ARG A 167 -42.77 -4.79 15.68
N ILE A 168 -43.48 -5.86 15.35
CA ILE A 168 -43.75 -6.33 13.98
C ILE A 168 -44.74 -5.35 13.37
N ILE A 169 -44.47 -4.83 12.19
CA ILE A 169 -45.36 -3.82 11.61
C ILE A 169 -45.55 -4.07 10.14
N GLY A 170 -45.43 -5.33 9.74
CA GLY A 170 -45.57 -5.69 8.34
C GLY A 170 -45.64 -7.19 8.26
N ARG A 171 -46.47 -7.68 7.34
CA ARG A 171 -46.55 -9.10 7.10
C ARG A 171 -46.76 -9.40 5.61
N GLY A 172 -46.08 -10.44 5.15
CA GLY A 172 -46.34 -11.00 3.83
C GLY A 172 -46.11 -12.51 3.83
N GLY A 173 -46.38 -13.12 2.69
CA GLY A 173 -46.22 -14.57 2.55
C GLY A 173 -44.85 -15.04 2.98
N PHE A 174 -43.82 -14.25 2.67
CA PHE A 174 -42.44 -14.73 2.74
C PHE A 174 -41.63 -14.25 3.94
N GLY A 175 -42.15 -13.26 4.68
CA GLY A 175 -41.53 -12.86 5.95
C GLY A 175 -42.32 -11.75 6.61
N GLU A 176 -41.66 -10.95 7.42
CA GLU A 176 -42.35 -9.87 8.13
C GLU A 176 -41.38 -8.70 8.28
N VAL A 177 -41.89 -7.53 8.69
CA VAL A 177 -41.07 -6.34 8.87
C VAL A 177 -41.15 -5.87 10.30
N TYR A 178 -40.01 -5.55 10.92
CA TYR A 178 -40.03 -5.07 12.27
C TYR A 178 -39.48 -3.70 12.27
N GLY A 179 -39.90 -2.88 13.23
CA GLY A 179 -39.26 -1.59 13.46
C GLY A 179 -38.08 -1.84 14.37
N CYS A 180 -37.13 -0.91 14.44
CA CYS A 180 -35.85 -1.15 15.14
C CYS A 180 -34.92 0.09 15.21
N ARG A 181 -34.07 0.12 16.23
CA ARG A 181 -33.07 1.16 16.37
C ARG A 181 -31.74 0.49 16.07
N LYS A 182 -30.82 1.20 15.41
CA LYS A 182 -29.47 0.67 15.21
C LYS A 182 -28.61 1.22 16.34
N ALA A 183 -28.09 0.33 17.17
CA ALA A 183 -27.46 0.71 18.43
C ALA A 183 -26.33 1.66 18.19
N ASP A 184 -25.43 1.19 17.33
CA ASP A 184 -24.27 1.93 16.78
C ASP A 184 -24.40 3.44 16.86
N THR A 185 -25.42 3.98 16.20
CA THR A 185 -25.63 5.41 16.00
C THR A 185 -27.03 5.89 16.40
N GLY A 186 -27.85 5.01 16.97
CA GLY A 186 -29.15 5.41 17.48
C GLY A 186 -30.30 5.56 16.50
N LYS A 187 -30.08 5.34 15.19
CA LYS A 187 -31.09 5.58 14.15
C LYS A 187 -32.23 4.55 14.06
N MET A 188 -33.46 5.03 13.90
CA MET A 188 -34.63 4.19 13.75
C MET A 188 -34.82 3.77 12.29
N TYR A 189 -35.15 2.49 12.09
CA TYR A 189 -35.27 1.89 10.75
C TYR A 189 -36.32 0.80 10.80
N ALA A 190 -36.66 0.32 9.62
CA ALA A 190 -37.48 -0.88 9.44
C ALA A 190 -36.55 -2.00 9.11
N MET A 191 -36.89 -3.19 9.55
CA MET A 191 -36.09 -4.34 9.21
C MET A 191 -36.98 -5.38 8.55
N LYS A 192 -36.75 -5.66 7.27
CA LYS A 192 -37.53 -6.65 6.60
C LYS A 192 -36.80 -7.95 6.66
N CYS A 193 -37.45 -9.02 7.13
CA CYS A 193 -36.84 -10.35 7.28
C CYS A 193 -37.52 -11.42 6.48
N LEU A 194 -36.99 -11.68 5.30
CA LEU A 194 -37.48 -12.77 4.49
C LEU A 194 -36.87 -14.06 4.98
N ASP A 195 -37.67 -15.11 5.06
CA ASP A 195 -37.17 -16.38 5.52
C ASP A 195 -36.87 -17.30 4.33
N LYS A 196 -35.65 -17.80 4.27
CA LYS A 196 -35.19 -18.58 3.12
C LYS A 196 -36.03 -19.83 2.91
N LYS A 197 -36.33 -20.49 4.03
CA LYS A 197 -37.17 -21.67 4.02
C LYS A 197 -38.48 -21.36 3.28
N ARG A 198 -39.23 -20.38 3.78
CA ARG A 198 -40.48 -20.01 3.14
C ARG A 198 -40.29 -19.69 1.66
N ILE A 199 -39.13 -19.12 1.31
CA ILE A 199 -38.77 -18.89 -0.09
C ILE A 199 -38.60 -20.18 -0.90
N LYS A 200 -37.74 -21.09 -0.47
CA LYS A 200 -37.47 -22.29 -1.27
C LYS A 200 -38.73 -23.09 -1.52
N MET A 201 -39.45 -23.40 -0.44
CA MET A 201 -40.75 -24.10 -0.51
C MET A 201 -41.69 -23.43 -1.53
N LYS A 202 -41.69 -22.09 -1.60
CA LYS A 202 -42.57 -21.39 -2.55
C LYS A 202 -41.88 -20.97 -3.84
N GLN A 203 -40.62 -21.36 -4.02
CA GLN A 203 -39.83 -21.03 -5.22
C GLN A 203 -39.91 -19.55 -5.61
N GLY A 204 -39.20 -18.70 -4.86
CA GLY A 204 -39.25 -17.27 -5.10
C GLY A 204 -37.91 -16.63 -4.91
N GLU A 205 -36.86 -17.36 -5.27
CA GLU A 205 -35.51 -16.90 -5.00
C GLU A 205 -35.19 -15.69 -5.87
N THR A 206 -35.78 -15.64 -7.07
CA THR A 206 -35.55 -14.54 -7.99
C THR A 206 -36.27 -13.30 -7.50
N LEU A 207 -37.53 -13.47 -7.16
CA LEU A 207 -38.40 -12.35 -6.87
C LEU A 207 -38.05 -11.71 -5.52
N ALA A 208 -36.96 -12.19 -4.90
CA ALA A 208 -36.38 -11.68 -3.65
C ALA A 208 -34.97 -11.11 -3.84
N LEU A 209 -34.14 -11.84 -4.59
CA LEU A 209 -32.86 -11.31 -5.03
C LEU A 209 -33.06 -10.09 -5.89
N ASN A 210 -34.22 -10.01 -6.53
CA ASN A 210 -34.53 -8.85 -7.33
C ASN A 210 -34.76 -7.63 -6.46
N GLU A 211 -35.68 -7.76 -5.49
CA GLU A 211 -36.00 -6.69 -4.54
C GLU A 211 -34.75 -6.00 -4.01
N ARG A 212 -33.66 -6.74 -3.79
CA ARG A 212 -32.45 -6.08 -3.34
C ARG A 212 -31.81 -5.20 -4.41
N ILE A 213 -31.50 -5.81 -5.55
CA ILE A 213 -30.84 -5.13 -6.68
C ILE A 213 -31.55 -3.82 -6.94
N MET A 214 -32.88 -3.90 -6.91
CA MET A 214 -33.73 -2.77 -7.16
C MET A 214 -33.52 -1.69 -6.13
N LEU A 215 -33.61 -2.06 -4.86
CA LEU A 215 -33.29 -1.11 -3.79
C LEU A 215 -31.93 -0.47 -3.94
N SER A 216 -30.93 -1.19 -4.47
CA SER A 216 -29.65 -0.56 -4.80
C SER A 216 -29.86 0.51 -5.82
N LEU A 217 -30.55 0.18 -6.88
CA LEU A 217 -30.76 1.16 -7.94
C LEU A 217 -31.32 2.48 -7.44
N VAL A 218 -32.16 2.40 -6.43
CA VAL A 218 -32.95 3.54 -6.06
C VAL A 218 -32.47 4.31 -4.82
N SER A 219 -31.83 3.66 -3.88
CA SER A 219 -31.59 4.27 -2.58
C SER A 219 -30.57 5.42 -2.48
N THR A 220 -29.91 5.76 -3.57
CA THR A 220 -29.10 6.96 -3.58
C THR A 220 -30.01 8.16 -3.83
N GLY A 221 -29.52 9.36 -3.59
CA GLY A 221 -30.25 10.56 -3.91
C GLY A 221 -31.20 11.07 -2.85
N ASP A 222 -31.45 10.28 -1.80
CA ASP A 222 -32.39 10.68 -0.73
C ASP A 222 -33.78 11.16 -1.30
N CYS A 223 -34.65 10.18 -1.53
CA CYS A 223 -35.98 10.46 -2.00
C CYS A 223 -36.91 10.51 -0.81
N PRO A 224 -37.60 11.63 -0.64
CA PRO A 224 -38.65 11.66 0.37
C PRO A 224 -39.81 10.72 0.14
N PHE A 225 -39.93 10.10 -1.03
CA PHE A 225 -41.17 9.40 -1.39
C PHE A 225 -40.96 7.97 -1.81
N ILE A 226 -39.85 7.36 -1.39
CA ILE A 226 -39.70 5.93 -1.55
C ILE A 226 -39.08 5.35 -0.30
N VAL A 227 -39.45 4.11 -0.03
CA VAL A 227 -38.92 3.39 1.13
C VAL A 227 -37.63 2.74 0.70
N CYS A 228 -36.54 3.33 1.19
CA CYS A 228 -35.21 3.01 0.71
C CYS A 228 -34.34 2.17 1.65
N MET A 229 -33.20 1.75 1.15
CA MET A 229 -32.35 0.82 1.84
C MET A 229 -31.05 1.46 2.24
N SER A 230 -30.65 1.23 3.48
CA SER A 230 -29.36 1.69 3.95
C SER A 230 -28.42 0.51 4.07
N TYR A 231 -28.93 -0.70 4.23
CA TYR A 231 -28.10 -1.90 4.33
C TYR A 231 -28.91 -3.09 3.96
N ALA A 232 -28.25 -4.12 3.46
CA ALA A 232 -28.78 -5.49 3.48
C ALA A 232 -27.72 -6.42 4.04
N PHE A 233 -28.19 -7.50 4.68
CA PHE A 233 -27.34 -8.56 5.15
C PHE A 233 -28.14 -9.79 5.37
N HIS A 234 -27.46 -10.89 5.71
CA HIS A 234 -28.17 -12.13 6.08
C HIS A 234 -27.54 -12.97 7.17
N THR A 235 -28.32 -13.93 7.63
CA THR A 235 -27.91 -15.00 8.53
C THR A 235 -28.29 -16.24 7.79
N PRO A 236 -28.04 -17.43 8.37
CA PRO A 236 -28.36 -18.61 7.57
C PRO A 236 -29.85 -18.81 7.29
N ASP A 237 -30.74 -18.37 8.17
CA ASP A 237 -32.15 -18.65 7.96
C ASP A 237 -32.91 -17.52 7.31
N LYS A 238 -32.31 -16.34 7.31
CA LYS A 238 -33.03 -15.11 7.04
C LYS A 238 -32.23 -14.19 6.14
N LEU A 239 -32.90 -13.57 5.19
CA LEU A 239 -32.41 -12.35 4.54
C LEU A 239 -33.02 -11.14 5.23
N SER A 240 -32.32 -10.03 5.18
CA SER A 240 -32.69 -8.89 5.96
C SER A 240 -32.37 -7.59 5.22
N PHE A 241 -33.31 -6.65 5.28
CA PHE A 241 -33.10 -5.37 4.68
C PHE A 241 -33.29 -4.28 5.70
N ILE A 242 -32.39 -3.32 5.76
CA ILE A 242 -32.67 -2.19 6.59
C ILE A 242 -33.27 -1.09 5.76
N LEU A 243 -34.49 -0.72 6.10
CA LEU A 243 -35.27 0.19 5.32
C LEU A 243 -35.77 1.38 6.09
N ASP A 244 -36.07 2.45 5.37
CA ASP A 244 -36.62 3.67 5.95
C ASP A 244 -37.86 3.27 6.77
N LEU A 245 -38.05 3.88 7.93
CA LEU A 245 -39.12 3.49 8.81
C LEU A 245 -40.39 4.24 8.54
N MET A 246 -41.45 3.48 8.26
CA MET A 246 -42.77 4.03 7.96
C MET A 246 -43.79 3.39 8.86
N ASN A 247 -44.13 4.08 9.96
CA ASN A 247 -45.07 3.52 10.96
C ASN A 247 -46.47 4.14 11.00
N GLY A 248 -46.93 4.58 9.83
CA GLY A 248 -48.31 5.01 9.65
C GLY A 248 -49.21 3.92 9.08
N GLY A 249 -48.63 2.84 8.58
CA GLY A 249 -49.42 1.76 7.98
C GLY A 249 -49.74 2.16 6.58
N ASP A 250 -50.27 1.25 5.79
CA ASP A 250 -50.42 1.50 4.35
C ASP A 250 -51.74 2.13 3.98
N LEU A 251 -51.89 2.50 2.71
CA LEU A 251 -53.14 3.11 2.28
C LEU A 251 -54.28 2.11 2.19
N HIS A 252 -53.96 0.88 1.83
CA HIS A 252 -54.97 -0.16 1.64
C HIS A 252 -55.73 -0.38 2.91
N TYR A 253 -55.04 -0.34 4.05
CA TYR A 253 -55.71 -0.34 5.35
C TYR A 253 -56.44 1.01 5.61
N HIS A 254 -55.72 2.12 5.48
CA HIS A 254 -56.32 3.42 5.79
C HIS A 254 -57.50 3.79 4.91
N LEU A 255 -57.56 3.20 3.74
CA LEU A 255 -58.69 3.42 2.87
C LEU A 255 -59.99 2.96 3.55
N SER A 256 -59.99 1.68 3.97
CA SER A 256 -61.11 1.06 4.69
C SER A 256 -61.57 1.84 5.92
N GLN A 257 -60.63 2.36 6.69
CA GLN A 257 -60.94 3.13 7.91
C GLN A 257 -61.53 4.50 7.62
N HIS A 258 -61.01 5.15 6.58
CA HIS A 258 -61.46 6.49 6.25
C HIS A 258 -62.60 6.45 5.26
N GLY A 259 -62.64 5.37 4.49
CA GLY A 259 -63.51 5.29 3.36
C GLY A 259 -62.89 6.15 2.29
N VAL A 260 -63.64 6.34 1.21
CA VAL A 260 -63.17 7.07 0.07
C VAL A 260 -62.64 8.46 0.45
N PHE A 261 -61.74 8.93 -0.40
CA PHE A 261 -61.11 10.20 -0.20
C PHE A 261 -61.75 11.21 -1.13
N SER A 262 -61.76 12.46 -0.70
CA SER A 262 -62.14 13.54 -1.58
C SER A 262 -61.11 13.70 -2.66
N GLU A 263 -61.43 14.49 -3.67
CA GLU A 263 -60.46 14.81 -4.71
C GLU A 263 -59.29 15.52 -4.02
N ALA A 264 -59.59 16.52 -3.21
CA ALA A 264 -58.56 17.36 -2.64
C ALA A 264 -57.53 16.58 -1.80
N ASP A 265 -58.04 15.65 -0.99
CA ASP A 265 -57.23 14.76 -0.17
C ASP A 265 -56.50 13.88 -1.12
N MET A 266 -57.20 13.27 -2.07
CA MET A 266 -56.55 12.38 -3.00
C MET A 266 -55.43 13.06 -3.75
N ARG A 267 -55.59 14.35 -4.05
CA ARG A 267 -54.56 15.07 -4.81
C ARG A 267 -53.19 14.94 -4.15
N PHE A 268 -53.15 15.25 -2.85
CA PHE A 268 -51.96 15.09 -2.00
C PHE A 268 -51.21 13.78 -2.22
N TYR A 269 -51.83 12.66 -1.89
CA TYR A 269 -51.22 11.37 -2.12
C TYR A 269 -50.74 11.18 -3.53
N ALA A 270 -51.52 11.64 -4.50
CA ALA A 270 -51.13 11.39 -5.88
C ALA A 270 -49.88 12.18 -6.18
N ALA A 271 -49.83 13.39 -5.63
CA ALA A 271 -48.70 14.26 -5.83
C ALA A 271 -47.41 13.59 -5.39
N GLU A 272 -47.37 13.20 -4.14
CA GLU A 272 -46.16 12.60 -3.61
C GLU A 272 -45.77 11.40 -4.45
N ILE A 273 -46.75 10.52 -4.66
CA ILE A 273 -46.53 9.31 -5.44
C ILE A 273 -45.89 9.57 -6.79
N ILE A 274 -46.33 10.64 -7.45
CA ILE A 274 -45.75 11.01 -8.71
C ILE A 274 -44.27 11.17 -8.51
N LEU A 275 -43.87 12.15 -7.73
CA LEU A 275 -42.48 12.37 -7.47
C LEU A 275 -41.71 11.07 -7.19
N GLY A 276 -42.35 10.21 -6.42
CA GLY A 276 -41.81 8.89 -6.11
C GLY A 276 -41.56 8.09 -7.35
N LEU A 277 -42.56 8.05 -8.23
CA LEU A 277 -42.38 7.42 -9.55
C LEU A 277 -41.24 8.07 -10.34
N GLU A 278 -41.25 9.40 -10.44
CA GLU A 278 -40.25 10.14 -11.16
C GLU A 278 -38.88 9.65 -10.84
N HIS A 279 -38.57 9.62 -9.56
CA HIS A 279 -37.26 9.18 -9.09
C HIS A 279 -36.88 7.83 -9.64
N MET A 280 -37.78 6.87 -9.46
CA MET A 280 -37.65 5.51 -10.01
C MET A 280 -37.40 5.48 -11.52
N HIS A 281 -38.27 6.19 -12.22
CA HIS A 281 -38.27 6.28 -13.67
C HIS A 281 -37.01 6.93 -14.25
N ASN A 282 -36.39 7.88 -13.53
CA ASN A 282 -35.11 8.39 -13.96
C ASN A 282 -34.04 7.38 -13.81
N ARG A 283 -34.21 6.45 -12.89
CA ARG A 283 -33.20 5.41 -12.70
C ARG A 283 -33.62 4.14 -13.41
N PHE A 284 -34.54 4.31 -14.36
CA PHE A 284 -34.82 3.31 -15.35
C PHE A 284 -35.40 2.09 -14.68
N VAL A 285 -36.41 2.36 -13.86
CA VAL A 285 -37.08 1.32 -13.09
C VAL A 285 -38.59 1.48 -13.17
N VAL A 286 -39.25 0.41 -13.59
CA VAL A 286 -40.69 0.37 -13.57
C VAL A 286 -41.01 -0.35 -12.29
N TYR A 287 -41.93 0.23 -11.53
CA TYR A 287 -42.32 -0.35 -10.26
C TYR A 287 -43.24 -1.56 -10.51
N ARG A 288 -44.37 -1.34 -11.15
CA ARG A 288 -45.25 -2.42 -11.55
C ARG A 288 -46.30 -2.80 -10.53
N ASP A 289 -45.98 -2.82 -9.25
CA ASP A 289 -46.98 -3.29 -8.29
C ASP A 289 -47.89 -2.16 -7.74
N LEU A 290 -47.89 -1.03 -8.42
CA LEU A 290 -48.43 0.16 -7.80
C LEU A 290 -49.88 -0.01 -7.36
N LYS A 291 -50.12 0.12 -6.04
CA LYS A 291 -51.47 0.07 -5.44
C LYS A 291 -51.45 0.49 -3.95
N PRO A 292 -52.63 0.70 -3.34
CA PRO A 292 -52.76 1.19 -1.96
C PRO A 292 -51.98 0.44 -0.90
N ALA A 293 -51.90 -0.89 -1.01
CA ALA A 293 -51.14 -1.64 -0.02
C ALA A 293 -49.61 -1.47 -0.14
N ASN A 294 -49.13 -0.92 -1.26
CA ASN A 294 -47.71 -0.66 -1.42
C ASN A 294 -47.27 0.80 -1.13
N ILE A 295 -48.20 1.59 -0.57
CA ILE A 295 -47.96 2.97 -0.18
C ILE A 295 -48.16 3.17 1.30
N LEU A 296 -47.13 3.59 2.00
CA LEU A 296 -47.22 3.60 3.42
C LEU A 296 -47.20 4.99 3.86
N LEU A 297 -47.68 5.23 5.07
CA LEU A 297 -47.64 6.52 5.72
C LEU A 297 -46.55 6.59 6.78
N ASP A 298 -46.01 7.77 7.02
CA ASP A 298 -45.14 7.96 8.17
C ASP A 298 -46.04 8.41 9.30
N GLU A 299 -45.49 8.71 10.47
CA GLU A 299 -46.26 9.22 11.61
C GLU A 299 -46.99 10.54 11.34
N HIS A 300 -46.51 11.34 10.39
CA HIS A 300 -47.08 12.65 10.13
C HIS A 300 -48.11 12.64 9.04
N GLY A 301 -48.18 11.55 8.27
CA GLY A 301 -49.16 11.45 7.18
C GLY A 301 -48.59 11.41 5.76
N HIS A 302 -47.32 11.83 5.58
CA HIS A 302 -46.66 11.81 4.28
C HIS A 302 -46.38 10.38 3.85
N VAL A 303 -46.32 10.16 2.54
CA VAL A 303 -46.25 8.80 2.02
C VAL A 303 -45.10 8.47 1.09
N ARG A 304 -44.91 7.17 0.91
CA ARG A 304 -43.80 6.64 0.15
C ARG A 304 -44.21 5.35 -0.49
N ILE A 305 -43.43 4.94 -1.49
CA ILE A 305 -43.66 3.73 -2.23
C ILE A 305 -42.72 2.67 -1.70
N SER A 306 -43.22 1.45 -1.59
CA SER A 306 -42.49 0.40 -0.91
C SER A 306 -42.52 -0.94 -1.63
N ASP A 307 -41.58 -1.82 -1.30
CA ASP A 307 -41.57 -3.20 -1.81
C ASP A 307 -41.39 -3.20 -3.33
N LEU A 308 -40.13 -3.28 -3.75
CA LEU A 308 -39.80 -3.15 -5.17
C LEU A 308 -39.47 -4.51 -5.78
N GLY A 309 -39.97 -5.59 -5.18
CA GLY A 309 -39.76 -6.91 -5.73
C GLY A 309 -40.16 -7.08 -7.19
N LEU A 310 -41.28 -6.47 -7.60
CA LEU A 310 -41.77 -6.62 -8.99
C LEU A 310 -41.16 -5.57 -9.93
N ALA A 311 -40.72 -4.47 -9.36
CA ALA A 311 -39.97 -3.48 -10.12
C ALA A 311 -38.83 -4.14 -10.88
N CYS A 312 -38.66 -3.77 -12.13
CA CYS A 312 -37.51 -4.24 -12.88
C CYS A 312 -36.86 -3.08 -13.61
N ASP A 313 -35.72 -3.43 -14.22
CA ASP A 313 -34.86 -2.49 -14.89
C ASP A 313 -35.06 -2.63 -16.40
N PHE A 314 -35.58 -1.57 -17.02
CA PHE A 314 -35.72 -1.48 -18.48
C PHE A 314 -34.53 -0.81 -19.17
N SER A 315 -33.61 -0.27 -18.38
CA SER A 315 -32.36 0.33 -18.85
C SER A 315 -31.66 -0.45 -19.99
N LYS A 316 -31.77 -1.78 -19.98
CA LYS A 316 -31.20 -2.61 -21.03
C LYS A 316 -32.27 -3.33 -21.87
N LYS A 317 -32.99 -4.27 -21.27
CA LYS A 317 -34.08 -4.99 -21.95
C LYS A 317 -35.44 -4.65 -21.35
N LYS A 318 -36.38 -4.22 -22.19
CA LYS A 318 -37.76 -4.04 -21.74
C LYS A 318 -38.43 -5.38 -21.43
N PRO A 319 -39.38 -5.38 -20.48
CA PRO A 319 -40.17 -6.56 -20.13
C PRO A 319 -41.42 -6.74 -20.97
N HIS A 320 -41.82 -8.00 -21.11
CA HIS A 320 -43.05 -8.41 -21.82
C HIS A 320 -44.04 -9.19 -20.92
N ALA A 321 -43.60 -9.61 -19.73
CA ALA A 321 -44.35 -10.58 -18.92
C ALA A 321 -45.47 -9.92 -18.12
N SER A 322 -46.54 -10.69 -17.90
CA SER A 322 -47.75 -10.19 -17.23
C SER A 322 -47.60 -10.24 -15.70
N VAL A 323 -46.75 -9.37 -15.15
CA VAL A 323 -46.43 -9.38 -13.72
C VAL A 323 -46.73 -8.04 -13.07
N GLY A 324 -47.88 -7.99 -12.39
CA GLY A 324 -48.26 -6.87 -11.52
C GLY A 324 -49.42 -7.38 -10.68
N THR A 325 -50.16 -6.50 -10.00
CA THR A 325 -51.40 -6.92 -9.31
C THR A 325 -52.64 -6.79 -10.21
N HIS A 326 -53.41 -7.87 -10.33
CA HIS A 326 -54.64 -7.86 -11.16
C HIS A 326 -55.52 -6.73 -10.69
N GLY A 327 -55.99 -5.90 -11.63
CA GLY A 327 -56.80 -4.71 -11.32
C GLY A 327 -56.07 -3.41 -11.53
N TYR A 328 -54.73 -3.49 -11.60
CA TYR A 328 -53.85 -2.32 -11.74
C TYR A 328 -52.90 -2.40 -12.92
N MET A 329 -52.70 -3.62 -13.41
CA MET A 329 -51.80 -3.86 -14.51
C MET A 329 -52.43 -3.20 -15.74
N ALA A 330 -51.59 -2.55 -16.54
CA ALA A 330 -52.02 -1.93 -17.80
C ALA A 330 -52.34 -2.93 -18.92
N PRO A 331 -53.01 -2.48 -20.02
CA PRO A 331 -53.08 -3.33 -21.22
C PRO A 331 -51.70 -3.88 -21.71
N GLU A 332 -50.77 -3.01 -22.12
CA GLU A 332 -49.52 -3.53 -22.67
C GLU A 332 -48.85 -4.54 -21.72
N VAL A 333 -49.03 -4.35 -20.41
CA VAL A 333 -48.51 -5.31 -19.43
C VAL A 333 -49.13 -6.68 -19.72
N LEU A 334 -50.46 -6.73 -19.77
CA LEU A 334 -51.18 -7.99 -19.77
C LEU A 334 -50.77 -8.99 -20.88
N GLN A 335 -50.77 -8.54 -22.15
CA GLN A 335 -50.41 -9.40 -23.30
C GLN A 335 -48.94 -9.86 -23.29
N LYS A 336 -48.70 -11.16 -23.08
CA LYS A 336 -47.33 -11.72 -23.11
C LYS A 336 -46.65 -11.41 -24.45
N GLY A 337 -45.31 -11.47 -24.43
CA GLY A 337 -44.51 -11.04 -25.56
C GLY A 337 -44.72 -9.59 -26.01
N VAL A 338 -45.55 -8.83 -25.30
CA VAL A 338 -45.72 -7.40 -25.55
C VAL A 338 -44.93 -6.58 -24.52
N ALA A 339 -43.89 -5.90 -24.98
CA ALA A 339 -43.01 -5.16 -24.09
C ALA A 339 -43.68 -3.91 -23.52
N TYR A 340 -43.01 -3.34 -22.50
CA TYR A 340 -43.42 -2.08 -21.92
C TYR A 340 -42.33 -1.52 -21.03
N ASP A 341 -42.28 -0.19 -20.92
CA ASP A 341 -41.31 0.56 -20.09
C ASP A 341 -42.05 1.27 -18.91
N SER A 342 -41.58 2.45 -18.53
CA SER A 342 -42.19 3.24 -17.45
C SER A 342 -43.69 3.44 -17.70
N SER A 343 -44.08 3.56 -18.97
CA SER A 343 -45.48 3.69 -19.34
C SER A 343 -46.44 3.00 -18.37
N ALA A 344 -46.12 1.77 -17.96
CA ALA A 344 -47.03 0.93 -17.17
C ALA A 344 -47.51 1.51 -15.83
N ASP A 345 -46.63 2.20 -15.11
CA ASP A 345 -46.99 2.74 -13.79
C ASP A 345 -48.09 3.82 -13.90
N TRP A 346 -48.03 4.62 -14.93
CA TRP A 346 -49.01 5.68 -15.10
C TRP A 346 -50.42 5.14 -15.20
N PHE A 347 -50.58 3.94 -15.74
CA PHE A 347 -51.91 3.38 -15.87
C PHE A 347 -52.38 2.97 -14.50
N SER A 348 -51.46 2.37 -13.78
CA SER A 348 -51.71 1.89 -12.44
C SER A 348 -51.94 3.07 -11.50
N LEU A 349 -51.16 4.14 -11.68
CA LEU A 349 -51.44 5.37 -10.94
C LEU A 349 -52.90 5.71 -11.14
N GLY A 350 -53.34 5.77 -12.40
CA GLY A 350 -54.74 5.92 -12.73
C GLY A 350 -55.65 5.05 -11.87
N CYS A 351 -55.48 3.74 -11.98
CA CYS A 351 -56.39 2.81 -11.30
C CYS A 351 -56.34 3.01 -9.80
N MET A 352 -55.15 3.17 -9.25
CA MET A 352 -55.06 3.35 -7.84
C MET A 352 -55.87 4.56 -7.41
N LEU A 353 -55.76 5.65 -8.13
CA LEU A 353 -56.45 6.89 -7.74
C LEU A 353 -57.98 6.78 -7.85
N PHE A 354 -58.47 6.07 -8.85
CA PHE A 354 -59.88 5.76 -8.92
C PHE A 354 -60.19 5.16 -7.57
N LYS A 355 -59.36 4.18 -7.18
CA LYS A 355 -59.66 3.39 -6.01
C LYS A 355 -59.74 4.25 -4.75
N LEU A 356 -58.96 5.30 -4.62
CA LEU A 356 -59.01 6.12 -3.40
C LEU A 356 -60.26 7.02 -3.36
N LEU A 357 -60.87 7.23 -4.52
CA LEU A 357 -62.04 8.09 -4.64
C LEU A 357 -63.32 7.29 -4.55
N ARG A 358 -63.24 6.00 -4.82
CA ARG A 358 -64.39 5.23 -5.26
C ARG A 358 -64.76 3.98 -4.51
N GLY A 359 -63.81 3.41 -3.77
CA GLY A 359 -64.07 2.15 -3.08
C GLY A 359 -63.37 0.98 -3.71
N HIS A 360 -63.30 0.95 -5.04
CA HIS A 360 -62.81 -0.22 -5.76
C HIS A 360 -61.91 0.20 -6.92
N SER A 361 -61.17 -0.76 -7.48
CA SER A 361 -60.46 -0.57 -8.74
C SER A 361 -61.49 -0.27 -9.81
N PRO A 362 -61.08 0.45 -10.86
CA PRO A 362 -62.04 0.77 -11.93
C PRO A 362 -62.66 -0.46 -12.59
N PHE A 363 -61.88 -1.54 -12.68
CA PHE A 363 -62.23 -2.76 -13.45
C PHE A 363 -62.78 -3.89 -12.58
N ARG A 364 -62.44 -3.85 -11.30
CA ARG A 364 -63.02 -4.74 -10.31
C ARG A 364 -64.46 -4.32 -10.00
N GLN A 365 -65.39 -4.68 -10.87
CA GLN A 365 -66.81 -4.40 -10.61
C GLN A 365 -67.53 -5.70 -10.40
N HIS A 366 -68.73 -5.61 -9.84
CA HIS A 366 -69.54 -6.77 -9.43
C HIS A 366 -68.85 -7.55 -8.30
N LYS A 367 -68.14 -6.82 -7.43
CA LYS A 367 -67.34 -7.42 -6.37
C LYS A 367 -66.54 -8.64 -6.86
N THR A 368 -66.38 -8.73 -8.18
CA THR A 368 -65.82 -9.93 -8.80
C THR A 368 -64.55 -10.29 -8.08
N LYS A 369 -64.42 -11.56 -7.71
CA LYS A 369 -63.18 -12.06 -7.16
C LYS A 369 -62.47 -12.93 -8.18
N ASP A 370 -63.02 -12.99 -9.38
CA ASP A 370 -62.43 -13.77 -10.48
C ASP A 370 -61.61 -12.85 -11.40
N LYS A 371 -60.45 -13.36 -11.79
CA LYS A 371 -59.42 -12.59 -12.45
C LYS A 371 -59.75 -12.38 -13.92
N HIS A 372 -59.84 -13.47 -14.68
CA HIS A 372 -60.07 -13.41 -16.13
C HIS A 372 -61.21 -12.46 -16.52
N GLU A 373 -62.01 -12.07 -15.52
CA GLU A 373 -63.11 -11.09 -15.66
C GLU A 373 -62.53 -9.70 -15.90
N ILE A 374 -61.47 -9.36 -15.16
CA ILE A 374 -60.83 -8.04 -15.24
C ILE A 374 -59.77 -7.97 -16.33
N ASP A 375 -58.86 -8.94 -16.34
CA ASP A 375 -58.09 -9.25 -17.53
C ASP A 375 -58.85 -8.67 -18.71
N ARG A 376 -60.02 -9.23 -19.00
CA ARG A 376 -60.70 -8.90 -20.24
C ARG A 376 -61.36 -7.52 -20.20
N MET A 377 -61.97 -7.13 -19.07
CA MET A 377 -62.66 -5.82 -18.96
C MET A 377 -61.71 -4.63 -19.19
N THR A 378 -60.43 -4.84 -18.90
CA THR A 378 -59.46 -3.75 -18.94
C THR A 378 -58.99 -3.54 -20.37
N LEU A 379 -58.72 -4.64 -21.07
CA LEU A 379 -58.23 -4.65 -22.45
C LEU A 379 -59.30 -4.23 -23.45
N THR A 380 -60.48 -4.83 -23.27
CA THR A 380 -61.63 -4.60 -24.12
C THR A 380 -62.23 -3.23 -23.78
N MET A 381 -62.84 -3.12 -22.59
CA MET A 381 -63.63 -1.94 -22.20
C MET A 381 -62.85 -0.66 -21.91
N ALA A 382 -63.22 0.38 -22.66
CA ALA A 382 -62.92 1.75 -22.30
C ALA A 382 -63.65 2.06 -20.99
N VAL A 383 -63.25 3.13 -20.33
CA VAL A 383 -63.51 3.30 -18.91
C VAL A 383 -64.54 4.39 -18.64
N GLU A 384 -65.52 4.11 -17.79
CA GLU A 384 -66.60 5.09 -17.48
C GLU A 384 -66.52 5.59 -16.05
N LEU A 385 -66.77 6.87 -15.87
CA LEU A 385 -66.32 7.57 -14.69
C LEU A 385 -67.43 8.39 -14.08
N PRO A 386 -67.78 8.14 -12.80
CA PRO A 386 -68.78 8.92 -12.10
C PRO A 386 -68.83 10.35 -12.53
N ASP A 387 -70.02 10.88 -12.74
CA ASP A 387 -70.15 12.30 -13.01
C ASP A 387 -70.08 13.12 -11.72
N SER A 388 -69.80 12.46 -10.60
CA SER A 388 -69.45 13.17 -9.38
C SER A 388 -68.06 13.81 -9.49
N PHE A 389 -67.21 13.31 -10.40
CA PHE A 389 -65.87 13.87 -10.61
C PHE A 389 -65.92 15.23 -11.23
N SER A 390 -65.01 16.10 -10.81
CA SER A 390 -64.77 17.33 -11.54
C SER A 390 -64.16 17.00 -12.93
N PRO A 391 -64.21 17.99 -13.84
CA PRO A 391 -63.76 17.76 -15.21
C PRO A 391 -62.25 17.74 -15.40
N GLU A 392 -61.52 18.54 -14.62
CA GLU A 392 -60.05 18.53 -14.71
C GLU A 392 -59.52 17.25 -14.09
N LEU A 393 -60.27 16.74 -13.12
CA LEU A 393 -60.01 15.42 -12.57
C LEU A 393 -60.24 14.35 -13.64
N ARG A 394 -61.34 14.46 -14.39
CA ARG A 394 -61.53 13.63 -15.60
C ARG A 394 -60.31 13.74 -16.51
N SER A 395 -59.93 14.98 -16.83
CA SER A 395 -58.86 15.26 -17.80
C SER A 395 -57.64 14.43 -17.51
N LEU A 396 -57.35 14.34 -16.22
CA LEU A 396 -56.28 13.54 -15.64
C LEU A 396 -56.56 12.04 -15.84
N LEU A 397 -57.59 11.53 -15.16
CA LEU A 397 -57.88 10.09 -15.21
C LEU A 397 -58.02 9.54 -16.64
N GLU A 398 -58.68 10.29 -17.53
CA GLU A 398 -58.79 9.95 -18.97
C GLU A 398 -57.42 9.76 -19.57
N GLY A 399 -56.56 10.75 -19.39
CA GLY A 399 -55.17 10.64 -19.83
C GLY A 399 -54.41 9.44 -19.26
N LEU A 400 -54.62 9.14 -17.98
CA LEU A 400 -53.84 8.08 -17.32
C LEU A 400 -54.35 6.71 -17.71
N LEU A 401 -55.66 6.58 -17.82
CA LEU A 401 -56.27 5.30 -18.13
C LEU A 401 -56.49 5.07 -19.63
N GLN A 402 -55.59 5.62 -20.43
CA GLN A 402 -55.58 5.38 -21.86
C GLN A 402 -55.03 4.02 -22.12
N ARG A 403 -55.74 3.20 -22.91
CA ARG A 403 -55.26 1.87 -23.23
C ARG A 403 -54.13 1.92 -24.24
N ASP A 404 -54.18 2.93 -25.11
CA ASP A 404 -53.08 3.22 -26.02
C ASP A 404 -51.94 3.93 -25.32
N VAL A 405 -50.76 3.34 -25.37
CA VAL A 405 -49.54 3.99 -24.89
C VAL A 405 -49.25 5.35 -25.57
N ASN A 406 -49.43 5.43 -26.87
CA ASN A 406 -49.20 6.69 -27.55
C ASN A 406 -50.15 7.78 -27.14
N ARG A 407 -51.31 7.42 -26.55
CA ARG A 407 -52.27 8.42 -26.07
C ARG A 407 -52.28 8.62 -24.53
N ARG A 408 -51.42 7.90 -23.81
CA ARG A 408 -51.44 7.92 -22.35
C ARG A 408 -50.57 9.00 -21.71
N LEU A 409 -51.22 9.85 -20.93
CA LEU A 409 -50.57 10.86 -20.10
C LEU A 409 -49.49 10.22 -19.25
N GLY A 410 -48.27 10.75 -19.37
CA GLY A 410 -47.10 10.21 -18.69
C GLY A 410 -46.16 9.56 -19.68
N CYS A 411 -46.70 9.08 -20.80
CA CYS A 411 -45.94 8.27 -21.74
C CYS A 411 -45.49 9.03 -22.99
N LEU A 412 -45.81 10.32 -23.07
CA LEU A 412 -45.68 11.04 -24.34
C LEU A 412 -44.34 11.79 -24.50
N GLY A 413 -43.24 11.22 -23.99
CA GLY A 413 -41.88 11.75 -24.23
C GLY A 413 -41.25 12.64 -23.17
N ARG A 414 -42.06 13.14 -22.23
CA ARG A 414 -41.57 13.99 -21.13
C ARG A 414 -41.77 13.34 -19.73
N GLY A 415 -42.06 12.04 -19.76
CA GLY A 415 -42.35 11.29 -18.54
C GLY A 415 -43.30 11.98 -17.57
N ALA A 416 -42.81 12.26 -16.38
CA ALA A 416 -43.66 12.67 -15.30
C ALA A 416 -44.01 14.13 -15.44
N GLN A 417 -43.22 14.88 -16.18
CA GLN A 417 -43.42 16.31 -16.20
C GLN A 417 -44.81 16.66 -16.71
N GLU A 418 -45.22 15.98 -17.77
CA GLU A 418 -46.57 16.15 -18.23
C GLU A 418 -47.54 15.99 -17.06
N VAL A 419 -47.59 14.82 -16.44
CA VAL A 419 -48.58 14.60 -15.39
C VAL A 419 -48.66 15.76 -14.39
N LYS A 420 -47.51 16.27 -13.98
CA LYS A 420 -47.48 17.37 -12.99
C LYS A 420 -48.17 18.62 -13.47
N GLU A 421 -48.13 18.86 -14.78
CA GLU A 421 -48.80 20.03 -15.33
C GLU A 421 -50.20 19.74 -15.89
N SER A 422 -50.81 18.63 -15.49
CA SER A 422 -52.25 18.46 -15.62
C SER A 422 -52.95 19.57 -14.83
N PRO A 423 -54.10 20.03 -15.34
CA PRO A 423 -54.82 21.11 -14.63
C PRO A 423 -55.34 20.67 -13.25
N PHE A 424 -55.34 19.36 -12.98
CA PHE A 424 -55.75 18.88 -11.70
C PHE A 424 -54.77 19.33 -10.63
N PHE A 425 -53.54 19.62 -11.03
CA PHE A 425 -52.48 19.97 -10.08
C PHE A 425 -52.09 21.45 -10.19
N ARG A 426 -52.96 22.24 -10.81
CA ARG A 426 -52.62 23.60 -11.10
C ARG A 426 -52.43 24.36 -9.80
N SER A 427 -53.11 23.97 -8.72
CA SER A 427 -53.05 24.72 -7.46
C SER A 427 -51.76 24.49 -6.69
N LEU A 428 -51.02 23.46 -7.09
CA LEU A 428 -49.82 23.05 -6.37
C LEU A 428 -48.56 23.64 -6.91
N ASP A 429 -47.63 23.81 -5.97
CA ASP A 429 -46.28 24.24 -6.21
C ASP A 429 -45.36 23.10 -5.78
N TRP A 430 -44.81 22.41 -6.76
CA TRP A 430 -44.14 21.15 -6.50
C TRP A 430 -42.81 21.26 -5.69
N GLN A 431 -42.18 22.43 -5.64
CA GLN A 431 -41.07 22.63 -4.72
C GLN A 431 -41.63 22.32 -3.32
N MET A 432 -42.83 22.82 -3.02
CA MET A 432 -43.45 22.62 -1.71
C MET A 432 -43.93 21.18 -1.51
N VAL A 433 -44.35 20.52 -2.58
CA VAL A 433 -44.70 19.12 -2.49
C VAL A 433 -43.50 18.32 -2.05
N PHE A 434 -42.36 18.66 -2.64
CA PHE A 434 -41.12 17.91 -2.48
C PHE A 434 -40.48 18.15 -1.13
N LEU A 435 -40.62 19.35 -0.60
CA LEU A 435 -40.19 19.62 0.76
C LEU A 435 -41.31 19.22 1.70
N GLN A 436 -42.23 18.38 1.24
CA GLN A 436 -43.32 17.88 2.06
C GLN A 436 -44.06 18.95 2.84
N LYS A 437 -44.24 20.13 2.28
CA LYS A 437 -44.78 21.25 3.04
C LYS A 437 -46.32 21.26 3.10
N TYR A 438 -46.97 20.56 2.19
CA TYR A 438 -48.44 20.55 2.17
C TYR A 438 -48.94 19.62 3.27
N PRO A 439 -49.92 20.07 4.06
CA PRO A 439 -50.45 19.28 5.16
C PRO A 439 -51.21 18.07 4.67
N PRO A 440 -50.88 16.86 5.18
CA PRO A 440 -51.53 15.64 4.72
C PRO A 440 -52.95 15.51 5.23
N PRO A 441 -53.77 14.84 4.40
CA PRO A 441 -55.17 14.60 4.67
C PRO A 441 -55.34 13.76 5.89
N LEU A 442 -54.58 12.68 6.05
CA LEU A 442 -54.77 11.72 7.15
C LEU A 442 -53.57 11.56 8.06
N ILE A 443 -53.82 11.56 9.37
CA ILE A 443 -52.76 11.46 10.34
C ILE A 443 -53.04 10.27 11.23
N PRO A 444 -52.21 9.21 11.13
CA PRO A 444 -52.61 7.99 11.82
C PRO A 444 -52.50 8.11 13.37
N PRO A 445 -53.22 7.24 14.15
CA PRO A 445 -53.17 7.20 15.63
C PRO A 445 -52.45 8.34 16.37
N THR A 465 -43.58 -24.62 10.49
CA THR A 465 -44.55 -25.52 9.86
C THR A 465 -43.96 -26.14 8.55
N LYS A 466 -42.88 -26.91 8.72
CA LYS A 466 -42.03 -27.37 7.59
C LYS A 466 -41.34 -28.71 7.76
N GLY A 467 -40.94 -29.27 6.62
CA GLY A 467 -39.95 -30.33 6.58
C GLY A 467 -39.06 -30.12 5.37
N ILE A 468 -38.48 -28.92 5.25
CA ILE A 468 -37.61 -28.52 4.12
C ILE A 468 -36.18 -28.32 4.56
N LYS A 469 -35.23 -28.67 3.69
CA LYS A 469 -33.79 -28.57 3.96
C LYS A 469 -33.09 -27.56 3.03
N LEU A 470 -31.95 -27.01 3.48
CA LEU A 470 -31.24 -25.86 2.84
C LEU A 470 -29.77 -26.09 2.34
N LEU A 471 -29.57 -26.59 1.12
CA LEU A 471 -28.22 -27.02 0.65
C LEU A 471 -27.26 -25.84 0.39
N ASP A 472 -25.96 -26.03 0.66
CA ASP A 472 -24.94 -24.99 0.40
C ASP A 472 -24.91 -24.52 -1.06
N SER A 473 -25.61 -25.24 -1.92
CA SER A 473 -26.03 -24.76 -3.22
C SER A 473 -26.96 -23.54 -3.15
N ASP A 474 -27.60 -23.33 -2.00
CA ASP A 474 -28.53 -22.20 -1.84
C ASP A 474 -27.92 -21.00 -1.16
N GLN A 475 -26.87 -21.21 -0.36
CA GLN A 475 -26.16 -20.09 0.26
C GLN A 475 -25.31 -19.39 -0.81
N GLU A 476 -24.94 -20.15 -1.83
CA GLU A 476 -24.27 -19.57 -2.99
C GLU A 476 -25.23 -18.65 -3.74
N LEU A 477 -26.50 -19.04 -3.78
CA LEU A 477 -27.57 -18.16 -4.30
C LEU A 477 -27.57 -16.78 -3.67
N TYR A 478 -27.36 -16.74 -2.36
CA TYR A 478 -27.42 -15.51 -1.60
C TYR A 478 -26.02 -15.08 -1.17
N ARG A 479 -25.06 -15.18 -2.08
CA ARG A 479 -23.65 -14.90 -1.80
C ARG A 479 -23.33 -13.40 -1.73
N ASN A 480 -23.59 -12.66 -2.80
CA ASN A 480 -23.24 -11.24 -2.86
C ASN A 480 -24.35 -10.36 -2.38
N PHE A 481 -25.12 -10.84 -1.40
CA PHE A 481 -26.28 -10.12 -0.86
C PHE A 481 -25.90 -9.00 0.11
N PRO A 482 -24.99 -9.28 1.08
CA PRO A 482 -24.58 -8.20 1.97
C PRO A 482 -24.14 -6.97 1.24
N LEU A 483 -24.54 -5.83 1.77
CA LEU A 483 -24.37 -4.57 1.10
C LEU A 483 -24.49 -3.41 2.08
N THR A 484 -23.84 -2.31 1.76
CA THR A 484 -24.06 -1.05 2.45
C THR A 484 -24.13 0.08 1.43
N ILE A 485 -25.11 0.96 1.49
CA ILE A 485 -25.08 2.15 0.62
C ILE A 485 -24.24 3.22 1.31
N SER A 486 -23.13 3.61 0.71
CA SER A 486 -22.19 4.42 1.44
C SER A 486 -22.81 5.76 1.74
N GLU A 487 -23.40 6.38 0.72
CA GLU A 487 -24.00 7.69 0.88
C GLU A 487 -24.96 7.72 2.10
N ARG A 488 -25.73 6.62 2.29
CA ARG A 488 -26.71 6.45 3.42
C ARG A 488 -25.98 6.38 4.74
N TRP A 489 -25.11 5.39 4.88
CA TRP A 489 -24.30 5.31 6.08
C TRP A 489 -23.66 6.64 6.45
N GLN A 490 -22.99 7.30 5.53
CA GLN A 490 -22.32 8.56 5.91
C GLN A 490 -23.30 9.62 6.40
N GLN A 491 -24.50 9.66 5.80
CA GLN A 491 -25.56 10.55 6.25
C GLN A 491 -26.02 10.17 7.66
N GLU A 492 -26.49 8.93 7.79
CA GLU A 492 -26.89 8.40 9.08
C GLU A 492 -25.92 8.86 10.18
N VAL A 493 -24.63 8.71 9.89
CA VAL A 493 -23.59 9.09 10.82
C VAL A 493 -23.51 10.59 10.96
N ALA A 494 -23.38 11.26 9.82
CA ALA A 494 -23.24 12.71 9.77
C ALA A 494 -24.25 13.47 10.64
N GLU A 495 -25.49 12.99 10.62
CA GLU A 495 -26.60 13.64 11.32
C GLU A 495 -26.82 13.14 12.75
N THR A 496 -25.86 12.43 13.34
CA THR A 496 -26.00 11.92 14.70
C THR A 496 -24.70 12.07 15.50
N VAL A 497 -23.80 11.12 15.30
CA VAL A 497 -22.62 10.95 16.16
C VAL A 497 -21.32 11.58 15.63
N PHE A 498 -21.27 11.84 14.33
CA PHE A 498 -20.03 12.24 13.70
C PHE A 498 -19.31 13.35 14.45
N ASP A 499 -20.04 14.41 14.84
CA ASP A 499 -19.37 15.56 15.45
C ASP A 499 -18.88 15.24 16.84
N THR A 500 -19.77 14.65 17.62
CA THR A 500 -19.48 14.03 18.92
C THR A 500 -18.27 13.12 18.92
N ILE A 501 -18.35 12.03 18.16
CA ILE A 501 -17.28 11.06 18.08
C ILE A 501 -15.95 11.73 17.68
N ASN A 502 -16.00 12.73 16.80
CA ASN A 502 -14.75 13.38 16.44
C ASN A 502 -14.13 14.11 17.61
N ALA A 503 -14.99 14.72 18.42
CA ALA A 503 -14.56 15.36 19.63
C ALA A 503 -13.95 14.33 20.60
N GLU A 504 -14.72 13.31 20.98
CA GLU A 504 -14.26 12.32 21.96
C GLU A 504 -12.90 11.75 21.55
N THR A 505 -12.75 11.49 20.25
CA THR A 505 -11.49 10.99 19.72
C THR A 505 -10.42 12.08 19.85
N ASP A 506 -10.63 13.24 19.24
CA ASP A 506 -9.73 14.38 19.41
C ASP A 506 -9.12 14.44 20.83
N ARG A 507 -9.94 14.18 21.85
CA ARG A 507 -9.46 14.12 23.23
C ARG A 507 -8.58 12.90 23.52
N LEU A 508 -9.12 11.70 23.30
CA LEU A 508 -8.34 10.46 23.51
C LEU A 508 -6.98 10.39 22.77
N GLU A 509 -6.85 11.04 21.61
CA GLU A 509 -5.56 11.10 20.91
C GLU A 509 -4.67 12.19 21.50
N ALA A 510 -5.27 13.33 21.84
CA ALA A 510 -4.51 14.46 22.40
C ALA A 510 -3.90 14.15 23.79
N ARG A 511 -4.53 13.23 24.54
CA ARG A 511 -3.92 12.69 25.75
C ARG A 511 -2.59 12.04 25.40
N LYS A 512 -2.64 11.04 24.54
CA LYS A 512 -1.47 10.21 24.29
C LYS A 512 -0.28 10.95 23.65
N LYS A 513 -0.55 11.86 22.71
CA LYS A 513 0.56 12.60 22.11
C LYS A 513 1.20 13.54 23.11
N ALA A 514 0.39 14.25 23.90
CA ALA A 514 0.89 15.12 24.97
C ALA A 514 1.69 14.33 26.01
N LYS A 515 1.30 13.07 26.20
CA LYS A 515 1.85 12.20 27.22
C LYS A 515 3.20 11.52 26.91
N ASN A 516 3.41 11.07 25.67
CA ASN A 516 4.72 10.48 25.26
C ASN A 516 5.88 11.39 25.63
N LYS A 517 5.61 12.68 25.51
CA LYS A 517 6.37 13.73 26.16
C LYS A 517 6.08 13.75 27.67
N HIS A 521 8.91 8.90 24.22
CA HIS A 521 8.78 7.89 23.18
C HIS A 521 8.50 8.51 21.81
N GLU A 522 8.73 9.82 21.69
CA GLU A 522 8.19 10.60 20.55
C GLU A 522 8.69 10.17 19.15
N GLU A 523 10.00 10.00 19.01
CA GLU A 523 10.65 9.62 17.72
C GLU A 523 9.85 8.60 16.89
N ASP A 524 9.79 8.80 15.57
CA ASP A 524 9.03 7.87 14.74
C ASP A 524 9.95 7.06 13.84
N TYR A 525 9.85 5.75 13.99
CA TYR A 525 10.80 4.79 13.46
C TYR A 525 10.78 4.68 11.95
N ALA A 526 9.68 5.08 11.31
CA ALA A 526 9.53 4.89 9.86
C ALA A 526 10.08 6.04 9.10
N LEU A 527 10.28 7.16 9.77
CA LEU A 527 10.76 8.35 9.10
C LEU A 527 12.24 8.26 8.75
N GLY A 528 12.58 8.84 7.60
CA GLY A 528 13.95 9.01 7.16
C GLY A 528 14.49 7.78 6.49
N LYS A 529 13.62 6.80 6.29
CA LYS A 529 14.01 5.48 5.86
C LYS A 529 13.28 5.14 4.57
N ASP A 530 13.36 3.87 4.17
CA ASP A 530 12.65 3.36 3.01
C ASP A 530 11.50 2.43 3.41
N CYS A 531 10.79 2.78 4.48
CA CYS A 531 9.69 1.96 4.95
C CYS A 531 8.47 2.06 4.01
N ILE A 532 7.96 0.92 3.61
CA ILE A 532 6.83 0.88 2.71
C ILE A 532 5.56 1.24 3.44
N MET A 533 5.34 0.62 4.59
CA MET A 533 4.02 0.62 5.23
C MET A 533 4.14 0.14 6.67
N HIS A 534 3.32 0.66 7.55
CA HIS A 534 3.36 0.16 8.90
C HIS A 534 2.02 0.24 9.58
N GLY A 535 1.89 -0.33 10.76
CA GLY A 535 0.53 -0.51 11.33
C GLY A 535 0.43 -1.71 12.24
N TYR A 536 -0.68 -1.89 12.92
CA TYR A 536 -0.84 -2.99 13.87
C TYR A 536 -1.24 -4.29 13.22
N MET A 537 -0.91 -5.37 13.87
CA MET A 537 -1.46 -6.66 13.51
C MET A 537 -1.07 -7.53 14.69
N SER A 538 -1.75 -8.66 14.87
CA SER A 538 -1.39 -9.56 15.93
C SER A 538 -0.93 -10.85 15.32
N LYS A 539 0.32 -11.19 15.58
CA LYS A 539 0.86 -12.48 15.21
C LYS A 539 0.38 -13.48 16.23
N MET A 540 0.55 -14.76 15.92
CA MET A 540 0.02 -15.81 16.73
C MET A 540 1.18 -16.51 17.37
N GLY A 541 1.10 -16.70 18.68
CA GLY A 541 2.14 -17.41 19.38
C GLY A 541 1.83 -18.89 19.41
N ASN A 542 1.39 -19.34 20.57
CA ASN A 542 0.94 -20.70 20.80
C ASN A 542 -0.58 -20.72 20.62
N PRO A 543 -1.06 -21.41 19.58
CA PRO A 543 -2.50 -21.34 19.31
C PRO A 543 -3.31 -21.92 20.45
N PHE A 544 -2.78 -22.97 21.08
CA PHE A 544 -3.44 -23.72 22.16
C PHE A 544 -3.68 -22.89 23.44
N LEU A 545 -2.99 -21.74 23.53
CA LEU A 545 -3.10 -20.81 24.65
C LEU A 545 -3.87 -19.54 24.24
N THR A 546 -4.52 -19.59 23.07
CA THR A 546 -5.02 -18.41 22.34
C THR A 546 -4.17 -17.19 22.67
N GLN A 547 -2.92 -17.33 22.28
CA GLN A 547 -1.94 -16.29 22.46
C GLN A 547 -1.97 -15.54 21.12
N TRP A 548 -2.30 -14.25 21.18
CA TRP A 548 -2.04 -13.33 20.09
C TRP A 548 -1.28 -12.13 20.63
N GLN A 549 -0.01 -12.04 20.35
CA GLN A 549 0.68 -10.78 20.59
C GLN A 549 0.30 -9.76 19.49
N ARG A 550 -0.03 -8.56 19.94
CA ARG A 550 -0.39 -7.47 19.05
C ARG A 550 0.80 -6.60 19.00
N ARG A 551 1.45 -6.58 17.85
CA ARG A 551 2.64 -5.79 17.67
C ARG A 551 2.43 -4.73 16.62
N TYR A 552 3.28 -3.72 16.67
CA TYR A 552 3.33 -2.75 15.61
C TYR A 552 4.29 -3.29 14.56
N PHE A 553 3.87 -3.38 13.32
CA PHE A 553 4.72 -3.86 12.23
C PHE A 553 5.18 -2.78 11.29
N TYR A 554 6.34 -3.02 10.72
CA TYR A 554 6.90 -2.18 9.69
C TYR A 554 7.35 -3.06 8.57
N LEU A 555 6.80 -2.81 7.38
CA LEU A 555 7.23 -3.47 6.20
C LEU A 555 8.21 -2.61 5.49
N PHE A 556 9.45 -3.11 5.40
CA PHE A 556 10.53 -2.60 4.54
C PHE A 556 10.64 -3.48 3.29
N PRO A 557 11.41 -3.08 2.29
CA PRO A 557 11.38 -3.86 1.06
C PRO A 557 11.99 -5.23 1.16
N ASN A 558 12.80 -5.49 2.19
CA ASN A 558 13.53 -6.77 2.32
C ASN A 558 13.24 -7.56 3.60
N ARG A 559 12.53 -6.92 4.54
CA ARG A 559 12.28 -7.45 5.87
C ARG A 559 10.95 -6.91 6.46
N LEU A 560 10.35 -7.66 7.39
CA LEU A 560 9.16 -7.25 8.10
C LEU A 560 9.49 -7.17 9.60
N GLU A 561 9.71 -5.98 10.11
CA GLU A 561 10.13 -5.87 11.50
C GLU A 561 8.87 -5.70 12.27
N TRP A 562 8.87 -6.08 13.54
CA TRP A 562 7.81 -5.63 14.48
C TRP A 562 8.32 -5.41 15.87
N ARG A 563 7.62 -4.60 16.63
CA ARG A 563 7.96 -4.33 18.04
C ARG A 563 6.75 -4.30 18.99
N GLY A 564 7.03 -4.44 20.29
CA GLY A 564 6.03 -4.26 21.34
C GLY A 564 6.01 -2.80 21.76
N GLU A 565 6.27 -2.52 23.03
CA GLU A 565 6.42 -1.13 23.50
C GLU A 565 7.83 -0.81 24.02
N GLY A 566 8.10 0.48 24.25
CA GLY A 566 9.37 0.97 24.83
C GLY A 566 10.63 0.25 24.35
N GLU A 567 10.65 -0.01 23.05
CA GLU A 567 11.68 -0.81 22.43
C GLU A 567 11.56 -0.57 20.94
N ALA A 568 12.68 -0.40 20.25
CA ALA A 568 12.66 -0.45 18.80
C ALA A 568 12.53 -1.93 18.42
N PRO A 569 12.16 -2.21 17.16
CA PRO A 569 11.99 -3.60 16.76
C PRO A 569 13.14 -4.48 17.16
N GLN A 570 12.83 -5.61 17.81
CA GLN A 570 13.84 -6.58 18.18
C GLN A 570 13.57 -7.96 17.58
N SER A 571 12.62 -8.07 16.67
CA SER A 571 12.47 -9.28 15.89
C SER A 571 12.31 -8.86 14.48
N LEU A 572 12.31 -9.83 13.57
CA LEU A 572 11.88 -9.58 12.20
C LEU A 572 11.79 -10.80 11.34
N LEU A 573 11.26 -10.63 10.16
CA LEU A 573 11.19 -11.70 9.22
C LEU A 573 11.55 -11.20 7.82
N THR A 574 12.54 -11.82 7.18
CA THR A 574 13.05 -11.30 5.92
C THR A 574 12.21 -11.72 4.73
N MET A 575 12.11 -10.84 3.75
CA MET A 575 11.34 -11.15 2.56
C MET A 575 11.92 -12.38 1.89
N GLU A 576 13.24 -12.55 1.88
CA GLU A 576 13.80 -13.65 1.12
C GLU A 576 13.45 -15.03 1.70
N GLU A 577 13.06 -15.12 2.96
CA GLU A 577 12.68 -16.44 3.51
C GLU A 577 11.20 -16.77 3.42
N ILE A 578 10.41 -15.97 2.73
CA ILE A 578 8.96 -16.14 2.68
C ILE A 578 8.64 -16.91 1.43
N GLN A 579 7.85 -17.97 1.51
CA GLN A 579 7.56 -18.75 0.30
C GLN A 579 6.18 -18.45 -0.33
N SER A 580 5.17 -18.21 0.51
CA SER A 580 3.83 -17.94 0.01
C SER A 580 2.99 -17.26 1.09
N VAL A 581 2.07 -16.41 0.63
CA VAL A 581 1.12 -15.73 1.47
C VAL A 581 -0.29 -16.14 1.08
N GLU A 582 -1.10 -16.58 2.06
CA GLU A 582 -2.45 -17.07 1.80
C GLU A 582 -3.42 -16.55 2.86
N GLU A 583 -4.67 -16.43 2.44
CA GLU A 583 -5.81 -16.06 3.30
C GLU A 583 -6.27 -17.38 3.92
N THR A 584 -6.42 -17.43 5.24
CA THR A 584 -6.89 -18.67 5.91
C THR A 584 -7.74 -18.32 7.12
N GLN A 585 -8.79 -19.08 7.35
CA GLN A 585 -9.66 -18.81 8.51
C GLN A 585 -9.18 -19.58 9.69
N ILE A 586 -9.14 -18.92 10.84
CA ILE A 586 -8.91 -19.56 12.12
C ILE A 586 -9.96 -19.01 13.08
N LYS A 587 -10.80 -19.88 13.62
CA LYS A 587 -12.01 -19.48 14.37
C LYS A 587 -12.90 -18.68 13.46
N GLU A 588 -13.15 -19.24 12.28
CA GLU A 588 -13.80 -18.54 11.16
C GLU A 588 -13.49 -17.02 11.11
N ARG A 589 -12.35 -16.66 11.71
CA ARG A 589 -11.92 -15.28 11.80
C ARG A 589 -10.71 -15.23 10.90
N LYS A 590 -10.89 -14.64 9.73
CA LYS A 590 -9.91 -14.73 8.63
C LYS A 590 -8.54 -14.06 8.93
N CYS A 591 -7.48 -14.81 8.58
CA CYS A 591 -6.09 -14.51 8.93
C CYS A 591 -5.17 -14.56 7.71
N LEU A 592 -3.94 -14.11 7.87
CA LEU A 592 -2.91 -14.28 6.86
C LEU A 592 -1.95 -15.34 7.32
N LEU A 593 -1.67 -16.29 6.44
CA LEU A 593 -0.77 -17.36 6.75
C LEU A 593 0.41 -17.25 5.81
N LEU A 594 1.59 -17.02 6.38
CA LEU A 594 2.81 -16.98 5.61
C LEU A 594 3.55 -18.28 5.80
N LYS A 595 3.94 -18.92 4.68
CA LYS A 595 4.80 -20.10 4.71
C LYS A 595 6.27 -19.72 4.59
N ILE A 596 7.06 -20.14 5.57
CA ILE A 596 8.46 -19.80 5.62
C ILE A 596 9.32 -20.88 5.00
N ARG A 597 10.50 -20.46 4.56
CA ARG A 597 11.54 -21.31 4.00
C ARG A 597 11.67 -22.65 4.71
N GLY A 598 12.08 -22.63 5.97
CA GLY A 598 12.40 -23.88 6.67
C GLY A 598 11.19 -24.61 7.18
N GLY A 599 10.23 -24.90 6.29
CA GLY A 599 8.92 -25.49 6.62
C GLY A 599 8.04 -24.75 7.65
N LYS A 600 8.51 -23.60 8.12
CA LYS A 600 7.96 -22.94 9.29
C LYS A 600 6.68 -22.17 8.86
N GLN A 601 5.91 -21.68 9.83
CA GLN A 601 4.66 -20.95 9.54
C GLN A 601 4.49 -19.73 10.42
N PHE A 602 3.85 -18.71 9.85
CA PHE A 602 3.71 -17.41 10.46
C PHE A 602 2.35 -16.83 10.09
N ILE A 603 1.57 -16.49 11.12
CA ILE A 603 0.16 -16.13 10.99
C ILE A 603 -0.15 -14.78 11.62
N LEU A 604 -0.95 -13.98 10.93
CA LEU A 604 -1.24 -12.62 11.37
C LEU A 604 -2.73 -12.30 11.23
N GLN A 605 -3.30 -11.64 12.23
CA GLN A 605 -4.68 -11.20 12.10
C GLN A 605 -4.61 -9.71 12.18
N CYS A 606 -5.29 -9.04 11.25
CA CYS A 606 -5.29 -7.59 11.19
C CYS A 606 -6.67 -7.14 11.54
N ASP A 607 -6.76 -5.87 11.87
CA ASP A 607 -7.90 -5.40 12.62
C ASP A 607 -9.10 -5.00 11.77
N SER A 608 -9.14 -5.44 10.51
CA SER A 608 -10.19 -5.04 9.57
C SER A 608 -10.00 -5.54 8.16
N ASP A 609 -11.10 -5.80 7.47
CA ASP A 609 -11.04 -6.26 6.09
C ASP A 609 -10.01 -5.52 5.27
N PRO A 610 -10.06 -4.19 5.23
CA PRO A 610 -9.21 -3.54 4.23
C PRO A 610 -7.71 -3.66 4.57
N GLU A 611 -7.37 -3.62 5.86
CA GLU A 611 -6.01 -3.95 6.33
C GLU A 611 -5.57 -5.29 5.74
N LEU A 612 -6.28 -6.37 6.08
CA LEU A 612 -5.95 -7.64 5.47
C LEU A 612 -5.66 -7.55 3.98
N VAL A 613 -6.63 -7.13 3.18
CA VAL A 613 -6.42 -6.94 1.75
C VAL A 613 -5.10 -6.24 1.35
N GLN A 614 -4.75 -5.19 2.09
CA GLN A 614 -3.58 -4.38 1.77
C GLN A 614 -2.26 -5.13 2.18
N TRP A 615 -2.17 -5.59 3.42
CA TRP A 615 -1.04 -6.40 3.84
C TRP A 615 -0.90 -7.61 2.92
N LYS A 616 -2.00 -8.24 2.52
CA LYS A 616 -1.86 -9.39 1.65
C LYS A 616 -1.28 -8.95 0.31
N LYS A 617 -1.70 -7.80 -0.21
CA LYS A 617 -1.12 -7.32 -1.44
C LYS A 617 0.31 -6.95 -1.22
N GLU A 618 0.59 -6.14 -0.20
CA GLU A 618 1.90 -5.51 -0.14
C GLU A 618 3.00 -6.51 0.21
N LEU A 619 2.73 -7.41 1.17
CA LEU A 619 3.60 -8.55 1.45
C LEU A 619 3.81 -9.43 0.28
N ARG A 620 2.74 -9.66 -0.49
CA ARG A 620 2.91 -10.40 -1.70
C ARG A 620 3.81 -9.71 -2.70
N ASP A 621 3.58 -8.43 -2.95
CA ASP A 621 4.40 -7.71 -3.92
C ASP A 621 5.79 -7.63 -3.41
N ALA A 622 5.93 -7.38 -2.10
CA ALA A 622 7.25 -7.14 -1.48
C ALA A 622 8.24 -8.28 -1.65
N TYR A 623 7.79 -9.49 -1.32
CA TYR A 623 8.65 -10.65 -1.31
C TYR A 623 8.90 -11.13 -2.75
N ARG A 624 7.86 -11.14 -3.57
CA ARG A 624 7.99 -11.44 -4.98
C ARG A 624 9.14 -10.64 -5.62
N GLU A 625 9.12 -9.32 -5.46
CA GLU A 625 10.18 -8.47 -5.96
C GLU A 625 11.52 -8.75 -5.27
N ALA A 626 11.53 -8.73 -3.95
CA ALA A 626 12.81 -8.86 -3.26
C ALA A 626 13.45 -10.16 -3.63
N GLN A 627 12.67 -11.22 -3.67
CA GLN A 627 13.25 -12.49 -4.04
C GLN A 627 13.89 -12.49 -5.43
N GLN A 628 13.30 -11.72 -6.34
CA GLN A 628 13.71 -11.70 -7.72
C GLN A 628 14.91 -10.77 -7.91
N LEU A 629 14.89 -9.68 -7.18
CA LEU A 629 16.06 -8.80 -7.07
C LEU A 629 17.29 -9.40 -6.40
N VAL A 630 17.11 -10.16 -5.33
CA VAL A 630 18.24 -10.76 -4.59
C VAL A 630 18.93 -11.74 -5.50
N GLN A 631 18.14 -12.67 -6.02
CA GLN A 631 18.55 -13.59 -7.08
C GLN A 631 19.56 -12.98 -8.07
N ARG A 632 19.49 -11.69 -8.35
CA ARG A 632 20.36 -11.09 -9.35
C ARG A 632 21.60 -10.39 -8.78
N VAL A 633 21.91 -10.63 -7.51
CA VAL A 633 23.09 -10.05 -6.81
C VAL A 633 24.00 -11.15 -6.22
N PRO A 634 25.21 -11.31 -6.76
CA PRO A 634 26.06 -12.40 -6.33
C PRO A 634 26.28 -12.47 -4.82
N LYS A 635 26.56 -11.33 -4.20
CA LYS A 635 26.85 -11.34 -2.77
C LYS A 635 25.67 -11.84 -1.94
N MET A 636 24.45 -11.50 -2.35
CA MET A 636 23.24 -11.86 -1.57
C MET A 636 22.60 -13.14 -2.04
N LYS A 637 22.79 -13.48 -3.30
CA LYS A 637 22.15 -14.66 -3.84
C LYS A 637 22.68 -15.94 -3.16
N ASN A 638 21.89 -16.99 -3.29
CA ASN A 638 22.26 -18.32 -2.80
C ASN A 638 22.90 -19.16 -3.89
N LYS A 639 23.79 -20.08 -3.51
CA LYS A 639 24.54 -20.87 -4.48
C LYS A 639 24.45 -22.41 -4.29
N PRO A 640 23.22 -22.99 -4.49
CA PRO A 640 22.95 -24.45 -4.65
C PRO A 640 23.59 -25.09 -5.88
N SER B 1 40.13 -5.48 -42.34
CA SER B 1 39.28 -4.39 -41.80
C SER B 1 39.86 -3.95 -40.46
N GLU B 2 39.33 -2.84 -39.96
CA GLU B 2 39.91 -2.13 -38.82
C GLU B 2 39.91 -2.89 -37.48
N LEU B 3 38.75 -3.43 -37.10
CA LEU B 3 38.64 -4.15 -35.85
C LEU B 3 39.44 -5.44 -35.92
N ASP B 4 39.32 -6.14 -37.04
CA ASP B 4 39.87 -7.49 -37.15
C ASP B 4 41.39 -7.50 -37.04
N GLN B 5 42.04 -6.40 -37.42
CA GLN B 5 43.45 -6.16 -37.10
C GLN B 5 43.64 -5.91 -35.62
N LEU B 6 42.78 -5.08 -35.03
CA LEU B 6 42.87 -4.79 -33.59
C LEU B 6 42.55 -6.01 -32.71
N ARG B 7 41.68 -6.89 -33.20
CA ARG B 7 41.41 -8.14 -32.53
C ARG B 7 42.57 -9.09 -32.69
N GLN B 8 43.08 -9.17 -33.91
CA GLN B 8 44.31 -9.88 -34.22
C GLN B 8 45.45 -9.45 -33.29
N GLU B 9 45.66 -8.15 -33.16
CA GLU B 9 46.73 -7.62 -32.31
C GLU B 9 46.57 -7.90 -30.83
N ALA B 10 45.35 -7.84 -30.34
CA ALA B 10 45.10 -8.11 -28.93
C ALA B 10 45.41 -9.55 -28.65
N GLU B 11 45.02 -10.46 -29.54
CA GLU B 11 45.31 -11.88 -29.38
C GLU B 11 46.83 -12.10 -29.36
N GLN B 12 47.53 -11.61 -30.36
CA GLN B 12 48.98 -11.83 -30.42
C GLN B 12 49.76 -10.96 -29.39
N LEU B 13 49.08 -10.08 -28.66
CA LEU B 13 49.66 -9.37 -27.50
C LEU B 13 49.46 -10.15 -26.20
N LYS B 14 48.31 -10.80 -26.06
CA LYS B 14 48.07 -11.67 -24.91
C LYS B 14 49.02 -12.86 -24.93
N ASN B 15 49.26 -13.39 -26.13
CA ASN B 15 50.21 -14.46 -26.34
C ASN B 15 51.61 -14.03 -25.97
N GLN B 16 51.90 -12.76 -26.22
CA GLN B 16 53.21 -12.22 -25.93
C GLN B 16 53.34 -12.04 -24.43
N ILE B 17 52.32 -11.42 -23.85
CA ILE B 17 52.28 -11.21 -22.42
C ILE B 17 52.25 -12.52 -21.68
N ARG B 18 51.67 -13.57 -22.28
CA ARG B 18 51.72 -14.86 -21.61
C ARG B 18 53.16 -15.31 -21.50
N ASP B 19 53.93 -15.20 -22.58
CA ASP B 19 55.31 -15.67 -22.60
C ASP B 19 56.25 -14.90 -21.73
N ALA B 20 56.04 -13.59 -21.65
CA ALA B 20 56.80 -12.76 -20.70
C ALA B 20 56.76 -13.39 -19.32
N ARG B 21 55.59 -13.86 -18.91
CA ARG B 21 55.43 -14.46 -17.61
C ARG B 21 56.04 -15.84 -17.50
N LYS B 22 55.79 -16.70 -18.49
CA LYS B 22 56.39 -18.03 -18.53
C LYS B 22 57.93 -17.99 -18.46
N ALA B 23 58.49 -16.88 -18.96
CA ALA B 23 59.92 -16.59 -18.84
C ALA B 23 60.41 -16.37 -17.42
N CYS B 24 59.54 -15.97 -16.50
CA CYS B 24 59.96 -15.85 -15.11
C CYS B 24 59.58 -17.04 -14.23
N ALA B 25 59.08 -18.12 -14.83
CA ALA B 25 58.66 -19.31 -14.07
C ALA B 25 59.78 -20.35 -13.77
N ASP B 26 61.00 -19.87 -13.60
CA ASP B 26 62.13 -20.71 -13.16
C ASP B 26 61.88 -21.59 -11.92
N ALA B 27 61.08 -21.10 -10.99
CA ALA B 27 60.82 -21.78 -9.72
C ALA B 27 59.37 -21.62 -9.29
N THR B 28 58.92 -22.48 -8.40
CA THR B 28 57.62 -22.32 -7.77
C THR B 28 57.90 -21.66 -6.43
N LEU B 29 56.91 -20.97 -5.90
CA LEU B 29 57.04 -20.51 -4.54
C LEU B 29 57.11 -21.75 -3.63
N SER B 30 56.29 -22.75 -3.93
CA SER B 30 56.33 -24.01 -3.21
C SER B 30 57.76 -24.61 -3.04
N GLN B 31 58.46 -24.79 -4.14
CA GLN B 31 59.88 -25.14 -4.12
C GLN B 31 60.66 -24.22 -3.19
N ILE B 32 60.62 -22.92 -3.46
CA ILE B 32 61.41 -21.91 -2.75
C ILE B 32 61.23 -21.95 -1.23
N THR B 33 60.06 -22.38 -0.76
CA THR B 33 59.75 -22.46 0.66
C THR B 33 59.71 -23.89 1.16
N ASN B 34 60.18 -24.82 0.35
CA ASN B 34 60.03 -26.21 0.69
C ASN B 34 60.83 -26.50 1.98
N ASN B 35 61.76 -25.60 2.30
CA ASN B 35 62.71 -25.84 3.37
C ASN B 35 62.31 -25.32 4.74
N ILE B 36 61.31 -24.46 4.85
CA ILE B 36 61.06 -23.78 6.11
C ILE B 36 60.08 -24.58 6.92
N ASP B 37 60.08 -24.27 8.21
CA ASP B 37 59.33 -25.05 9.17
C ASP B 37 57.88 -24.69 9.03
N PRO B 38 56.97 -25.71 9.03
CA PRO B 38 55.55 -25.48 9.18
C PRO B 38 55.20 -24.55 10.32
N VAL B 39 53.94 -24.15 10.35
CA VAL B 39 53.41 -23.27 11.39
C VAL B 39 52.68 -24.11 12.43
N GLY B 40 52.43 -25.38 12.04
CA GLY B 40 51.80 -26.38 12.89
C GLY B 40 50.30 -26.27 12.81
N ARG B 41 49.62 -26.57 13.91
CA ARG B 41 48.21 -26.28 13.98
C ARG B 41 48.04 -24.94 14.67
N ILE B 42 47.07 -24.20 14.15
CA ILE B 42 46.67 -22.93 14.67
C ILE B 42 45.31 -23.16 15.26
N GLN B 43 45.24 -23.05 16.58
CA GLN B 43 43.97 -23.08 17.27
C GLN B 43 43.65 -21.70 17.76
N MET B 44 42.49 -21.24 17.34
CA MET B 44 42.01 -19.92 17.69
C MET B 44 40.66 -20.12 18.29
N ARG B 45 40.36 -19.36 19.32
CA ARG B 45 39.13 -19.51 20.03
C ARG B 45 38.38 -18.19 20.04
N THR B 46 37.07 -18.30 20.25
CA THR B 46 36.18 -17.16 20.20
C THR B 46 36.18 -16.32 21.47
N ARG B 47 36.99 -15.27 21.47
CA ARG B 47 37.07 -14.35 22.59
C ARG B 47 35.83 -13.46 22.79
N ARG B 48 35.13 -13.11 21.72
CA ARG B 48 33.91 -12.30 21.82
C ARG B 48 32.83 -12.73 20.86
N THR B 49 31.59 -12.49 21.23
CA THR B 49 30.49 -12.51 20.26
C THR B 49 29.78 -11.14 20.22
N LEU B 50 29.35 -10.71 19.04
CA LEU B 50 28.68 -9.45 18.91
C LEU B 50 27.27 -9.65 18.36
N ARG B 51 26.28 -9.61 19.26
CA ARG B 51 24.88 -9.86 18.91
C ARG B 51 24.15 -8.57 18.93
N GLY B 52 23.24 -8.37 18.00
CA GLY B 52 22.58 -7.07 17.89
C GLY B 52 21.93 -6.87 16.56
N HIS B 53 22.57 -7.38 15.51
CA HIS B 53 21.97 -7.42 14.18
C HIS B 53 20.88 -8.46 14.14
N LEU B 54 19.82 -8.05 13.48
CA LEU B 54 18.58 -8.76 13.50
C LEU B 54 18.54 -9.66 12.30
N ALA B 55 19.50 -9.51 11.41
CA ALA B 55 19.48 -10.33 10.23
C ALA B 55 20.89 -10.54 9.75
N LYS B 56 21.01 -11.10 8.54
CA LYS B 56 22.30 -11.41 7.94
C LYS B 56 23.26 -10.26 8.09
N ILE B 57 24.54 -10.57 8.35
CA ILE B 57 25.62 -9.61 8.27
C ILE B 57 26.28 -9.80 6.93
N TYR B 58 26.57 -8.69 6.26
CA TYR B 58 27.13 -8.70 4.92
C TYR B 58 28.57 -8.25 4.83
N ALA B 59 29.00 -7.33 5.69
CA ALA B 59 30.38 -6.83 5.67
C ALA B 59 30.84 -6.24 6.99
N MET B 60 32.14 -6.25 7.23
CA MET B 60 32.65 -5.54 8.38
C MET B 60 34.02 -4.86 8.14
N HIS B 61 34.45 -4.00 9.05
CA HIS B 61 35.75 -3.37 8.87
C HIS B 61 36.32 -2.79 10.19
N TRP B 62 37.54 -3.18 10.55
CA TRP B 62 38.12 -2.66 11.77
C TRP B 62 38.56 -1.19 11.61
N GLY B 63 38.37 -0.41 12.67
CA GLY B 63 39.05 0.87 12.85
C GLY B 63 40.54 0.65 13.05
N THR B 64 41.34 1.61 12.67
CA THR B 64 42.76 1.36 12.68
C THR B 64 43.24 1.14 14.11
N ASP B 65 42.52 1.68 15.07
CA ASP B 65 42.83 1.45 16.48
C ASP B 65 42.68 0.00 16.95
N SER B 66 42.56 -0.97 16.04
CA SER B 66 42.36 -2.39 16.41
C SER B 66 41.32 -2.69 17.52
N ARG B 67 40.43 -1.75 17.77
CA ARG B 67 39.44 -1.88 18.84
C ARG B 67 38.02 -1.80 18.28
N LEU B 68 37.78 -0.74 17.55
CA LEU B 68 36.47 -0.50 17.01
C LEU B 68 36.33 -1.09 15.61
N LEU B 69 35.10 -1.46 15.28
CA LEU B 69 34.79 -1.90 13.95
C LEU B 69 33.35 -1.58 13.59
N VAL B 70 33.09 -1.55 12.29
CA VAL B 70 31.77 -1.28 11.80
C VAL B 70 31.27 -2.54 11.09
N SER B 71 30.01 -2.90 11.32
CA SER B 71 29.36 -3.98 10.60
C SER B 71 28.14 -3.50 9.82
N ALA B 72 27.72 -4.24 8.79
CA ALA B 72 26.56 -3.85 7.97
C ALA B 72 25.72 -5.04 7.63
N SER B 73 24.42 -4.89 7.86
CA SER B 73 23.49 -6.00 7.95
C SER B 73 22.22 -5.84 7.10
N GLN B 74 21.68 -6.99 6.70
CA GLN B 74 20.39 -7.10 6.05
C GLN B 74 19.32 -6.40 6.86
N ASP B 75 19.59 -6.19 8.15
CA ASP B 75 18.72 -5.46 9.05
C ASP B 75 18.78 -3.92 8.87
N GLY B 76 19.35 -3.45 7.76
CA GLY B 76 19.38 -2.01 7.44
C GLY B 76 20.10 -1.12 8.43
N LYS B 77 21.09 -1.66 9.13
CA LYS B 77 21.84 -0.89 10.14
C LYS B 77 23.34 -1.04 10.04
N LEU B 78 24.03 0.03 10.40
CA LEU B 78 25.42 -0.07 10.77
C LEU B 78 25.49 -0.04 12.26
N ILE B 79 26.30 -0.94 12.80
CA ILE B 79 26.71 -0.86 14.15
C ILE B 79 28.21 -0.63 14.21
N ILE B 80 28.64 0.18 15.16
CA ILE B 80 30.03 0.32 15.46
C ILE B 80 30.20 -0.28 16.82
N TRP B 81 31.05 -1.28 16.94
CA TRP B 81 31.21 -1.97 18.20
C TRP B 81 32.57 -1.65 18.83
N ASP B 82 32.59 -1.54 20.16
CA ASP B 82 33.82 -1.64 20.93
C ASP B 82 34.09 -3.13 21.09
N SER B 83 35.06 -3.64 20.33
CA SER B 83 35.30 -5.09 20.30
C SER B 83 35.73 -5.64 21.64
N TYR B 84 36.41 -4.80 22.40
CA TYR B 84 36.95 -5.18 23.69
C TYR B 84 35.81 -5.55 24.63
N THR B 85 34.72 -4.79 24.54
CA THR B 85 33.63 -4.83 25.54
C THR B 85 32.23 -5.21 25.00
N THR B 86 32.12 -5.49 23.70
CA THR B 86 30.82 -5.79 23.05
C THR B 86 29.79 -4.61 23.01
N ASN B 87 30.28 -3.38 23.19
CA ASN B 87 29.44 -2.18 23.37
C ASN B 87 29.07 -1.36 22.14
N LYS B 88 27.82 -1.43 21.73
CA LYS B 88 27.40 -0.70 20.55
C LYS B 88 27.59 0.80 20.69
N VAL B 89 28.78 1.31 20.38
CA VAL B 89 29.02 2.77 20.36
C VAL B 89 27.92 3.53 19.58
N HIS B 90 27.55 3.02 18.40
CA HIS B 90 26.47 3.58 17.60
C HIS B 90 25.74 2.49 16.88
N ALA B 91 24.41 2.53 16.92
CA ALA B 91 23.59 1.83 15.95
C ALA B 91 23.29 2.95 15.02
N ILE B 92 23.17 2.67 13.73
CA ILE B 92 22.94 3.72 12.76
C ILE B 92 21.95 3.26 11.72
N PRO B 93 20.70 3.71 11.83
CA PRO B 93 19.71 3.20 10.90
C PRO B 93 19.87 3.88 9.54
N LEU B 94 19.79 3.11 8.49
CA LEU B 94 20.18 3.61 7.19
C LEU B 94 18.93 3.99 6.47
N ARG B 95 19.07 4.60 5.31
CA ARG B 95 17.92 5.06 4.54
C ARG B 95 17.53 4.13 3.38
N SER B 96 18.35 3.13 3.13
CA SER B 96 17.96 2.11 2.20
C SER B 96 18.16 0.87 3.01
N SER B 97 17.35 -0.13 2.73
CA SER B 97 17.49 -1.39 3.43
C SER B 97 18.67 -2.16 2.84
N TRP B 98 18.95 -1.93 1.56
CA TRP B 98 19.82 -2.79 0.78
C TRP B 98 21.28 -2.43 0.86
N VAL B 99 21.84 -2.52 2.05
CA VAL B 99 23.23 -2.20 2.25
C VAL B 99 24.01 -3.48 1.92
N MET B 100 25.28 -3.35 1.50
CA MET B 100 26.17 -4.48 1.20
C MET B 100 27.60 -4.37 1.69
N THR B 101 28.01 -3.16 2.05
CA THR B 101 29.40 -2.93 2.37
C THR B 101 29.53 -1.78 3.35
N CYS B 102 30.68 -1.70 4.03
CA CYS B 102 30.93 -0.61 4.97
C CYS B 102 32.42 -0.47 5.14
N ALA B 103 32.85 0.68 5.65
CA ALA B 103 34.27 0.98 5.85
C ALA B 103 34.46 1.93 6.99
N TYR B 104 35.61 1.84 7.61
CA TYR B 104 35.89 2.68 8.74
C TYR B 104 37.10 3.55 8.37
N ALA B 105 36.87 4.85 8.15
CA ALA B 105 37.94 5.78 7.76
C ALA B 105 39.04 5.71 8.74
N PRO B 106 40.26 5.81 8.26
CA PRO B 106 41.32 5.43 9.12
C PRO B 106 41.35 6.33 10.35
N SER B 107 40.84 7.54 10.21
CA SER B 107 40.90 8.52 11.29
C SER B 107 40.03 8.20 12.50
N GLY B 108 38.98 7.42 12.31
CA GLY B 108 37.97 7.24 13.35
C GLY B 108 36.71 8.10 13.17
N ASN B 109 36.85 9.18 12.39
CA ASN B 109 35.80 10.23 12.28
C ASN B 109 34.61 10.01 11.33
N TYR B 110 34.78 9.16 10.30
CA TYR B 110 33.68 8.84 9.40
C TYR B 110 33.55 7.36 9.19
N VAL B 111 32.33 6.92 8.84
CA VAL B 111 32.16 5.63 8.19
C VAL B 111 31.32 5.77 6.96
N ALA B 112 31.46 4.79 6.10
CA ALA B 112 30.88 4.82 4.80
C ALA B 112 30.14 3.56 4.65
N CYS B 113 29.10 3.59 3.86
CA CYS B 113 28.44 2.36 3.51
C CYS B 113 27.66 2.56 2.23
N GLY B 114 27.01 1.49 1.77
CA GLY B 114 26.26 1.53 0.53
C GLY B 114 25.85 0.15 0.05
N GLY B 115 25.02 0.12 -0.99
CA GLY B 115 24.55 -1.14 -1.55
C GLY B 115 23.72 -0.87 -2.79
N LEU B 116 22.49 -1.40 -2.81
CA LEU B 116 21.67 -1.41 -4.02
C LEU B 116 21.06 -0.07 -4.29
N ASP B 117 21.07 0.79 -3.27
CA ASP B 117 20.89 2.25 -3.45
C ASP B 117 21.84 2.97 -4.44
N ASN B 118 22.96 2.33 -4.79
CA ASN B 118 23.92 2.85 -5.78
C ASN B 118 24.66 4.15 -5.36
N ILE B 119 24.82 4.30 -4.05
CA ILE B 119 25.38 5.50 -3.46
C ILE B 119 26.30 5.09 -2.31
N CYS B 120 27.43 5.78 -2.19
CA CYS B 120 28.25 5.67 -1.00
C CYS B 120 27.91 6.80 -0.04
N SER B 121 27.49 6.46 1.16
CA SER B 121 27.08 7.47 2.12
C SER B 121 28.07 7.55 3.26
N ILE B 122 28.58 8.76 3.49
CA ILE B 122 29.54 9.05 4.54
C ILE B 122 28.79 9.46 5.79
N TYR B 123 28.96 8.73 6.87
CA TYR B 123 28.35 9.14 8.10
C TYR B 123 29.39 9.77 8.99
N ASN B 124 29.07 10.95 9.53
CA ASN B 124 29.98 11.64 10.45
C ASN B 124 29.81 11.26 11.90
N LEU B 125 30.89 10.94 12.57
CA LEU B 125 30.71 10.26 13.82
C LEU B 125 30.61 11.12 15.09
N LYS B 126 31.24 12.30 15.12
CA LYS B 126 30.92 13.29 16.16
C LYS B 126 30.92 14.68 15.55
N THR B 127 29.71 15.27 15.49
CA THR B 127 29.46 16.62 14.92
C THR B 127 29.40 17.66 16.04
N ARG B 128 28.77 18.81 15.78
CA ARG B 128 28.34 19.77 16.80
C ARG B 128 27.96 19.10 18.14
N GLU B 129 26.79 18.46 18.17
CA GLU B 129 26.27 17.85 19.38
C GLU B 129 26.64 16.36 19.50
N GLY B 130 27.77 15.99 18.89
CA GLY B 130 28.16 14.59 18.78
C GLY B 130 27.08 13.65 18.26
N ASN B 131 26.21 14.14 17.38
CA ASN B 131 25.18 13.29 16.78
C ASN B 131 25.76 12.62 15.56
N VAL B 132 24.98 11.75 14.92
CA VAL B 132 25.48 11.01 13.78
C VAL B 132 24.79 11.46 12.52
N ARG B 133 25.29 12.54 11.96
CA ARG B 133 24.75 13.03 10.72
C ARG B 133 25.32 12.23 9.55
N VAL B 134 24.52 12.14 8.49
CA VAL B 134 25.03 11.84 7.17
C VAL B 134 25.76 13.05 6.64
N SER B 135 26.96 12.88 6.09
CA SER B 135 27.73 14.01 5.55
C SER B 135 27.68 14.13 4.02
N ARG B 136 27.65 13.01 3.32
CA ARG B 136 27.50 13.04 1.86
C ARG B 136 26.84 11.77 1.43
N GLU B 137 26.34 11.83 0.20
CA GLU B 137 25.79 10.70 -0.48
C GLU B 137 26.39 10.67 -1.86
N LEU B 138 27.54 10.05 -1.99
CA LEU B 138 28.29 10.07 -3.23
C LEU B 138 27.50 9.31 -4.25
N ALA B 139 26.76 10.04 -5.05
CA ALA B 139 25.99 9.42 -6.11
C ALA B 139 26.75 9.69 -7.34
N GLY B 140 26.69 8.74 -8.27
CA GLY B 140 27.47 8.79 -9.50
C GLY B 140 27.44 7.43 -10.15
N HIS B 141 27.67 6.37 -9.37
CA HIS B 141 27.59 5.00 -9.90
C HIS B 141 26.18 4.67 -10.40
N THR B 142 26.16 3.72 -11.31
CA THR B 142 24.94 3.28 -11.99
C THR B 142 24.67 1.78 -11.78
N GLY B 143 25.15 1.25 -10.66
CA GLY B 143 25.07 -0.18 -10.34
C GLY B 143 25.34 -0.26 -8.84
N TYR B 144 25.05 -1.40 -8.22
CA TYR B 144 25.16 -1.52 -6.76
C TYR B 144 26.60 -1.27 -6.31
N LEU B 145 26.74 -0.56 -5.19
CA LEU B 145 28.02 -0.37 -4.53
C LEU B 145 28.40 -1.68 -3.86
N SER B 146 29.57 -2.22 -4.22
CA SER B 146 30.02 -3.56 -3.78
C SER B 146 31.09 -3.51 -2.71
N CYS B 147 31.97 -2.53 -2.78
CA CYS B 147 32.90 -2.25 -1.71
C CYS B 147 33.36 -0.79 -1.74
N CYS B 148 33.89 -0.31 -0.62
CA CYS B 148 34.43 1.04 -0.54
C CYS B 148 35.42 1.21 0.60
N ARG B 149 36.50 1.99 0.34
CA ARG B 149 37.55 2.27 1.32
C ARG B 149 38.04 3.72 1.31
N PHE B 150 38.16 4.31 2.50
CA PHE B 150 38.69 5.64 2.65
C PHE B 150 40.19 5.61 2.45
N LEU B 151 40.70 6.62 1.74
CA LEU B 151 42.12 6.91 1.67
C LEU B 151 42.48 7.74 2.90
N ASP B 152 41.71 8.80 3.11
CA ASP B 152 41.77 9.61 4.34
C ASP B 152 40.35 10.10 4.61
N ASP B 153 40.20 11.21 5.31
CA ASP B 153 38.88 11.75 5.51
C ASP B 153 38.35 12.57 4.34
N ASN B 154 39.12 12.73 3.28
CA ASN B 154 38.67 13.54 2.16
C ASN B 154 38.47 12.74 0.86
N GLN B 155 39.11 11.59 0.77
CA GLN B 155 38.98 10.74 -0.40
C GLN B 155 38.56 9.32 -0.10
N ILE B 156 37.83 8.77 -1.05
CA ILE B 156 37.32 7.42 -0.91
C ILE B 156 37.15 6.71 -2.27
N VAL B 157 37.52 5.43 -2.27
CA VAL B 157 37.51 4.62 -3.45
C VAL B 157 36.43 3.58 -3.34
N THR B 158 35.53 3.58 -4.32
CA THR B 158 34.45 2.61 -4.40
C THR B 158 34.52 1.72 -5.63
N SER B 159 33.69 0.68 -5.59
CA SER B 159 33.63 -0.36 -6.58
C SER B 159 32.20 -0.74 -6.69
N SER B 160 31.78 -1.29 -7.84
CA SER B 160 30.37 -1.38 -8.17
C SER B 160 30.02 -2.43 -9.20
N GLY B 161 28.75 -2.83 -9.18
CA GLY B 161 28.21 -3.69 -10.24
C GLY B 161 28.12 -3.07 -11.61
N ASP B 162 28.35 -1.75 -11.69
CA ASP B 162 28.45 -1.10 -12.97
C ASP B 162 29.81 -1.40 -13.62
N THR B 163 30.55 -2.35 -13.07
CA THR B 163 31.81 -2.84 -13.60
C THR B 163 32.93 -1.85 -13.43
N THR B 164 32.72 -0.80 -12.65
CA THR B 164 33.79 0.18 -12.48
C THR B 164 34.09 0.41 -11.03
N CYS B 165 35.22 1.03 -10.78
CA CYS B 165 35.51 1.57 -9.46
C CYS B 165 35.62 3.06 -9.65
N ALA B 166 35.87 3.80 -8.58
CA ALA B 166 35.99 5.24 -8.67
C ALA B 166 36.60 5.90 -7.44
N LEU B 167 37.19 7.07 -7.68
CA LEU B 167 37.78 7.93 -6.65
C LEU B 167 36.92 9.19 -6.42
N TRP B 168 36.78 9.62 -5.16
CA TRP B 168 35.84 10.70 -4.80
C TRP B 168 36.49 11.72 -3.89
N ASP B 169 36.21 12.99 -4.18
CA ASP B 169 36.47 14.06 -3.21
C ASP B 169 35.22 14.15 -2.33
N ILE B 170 35.38 13.78 -1.07
CA ILE B 170 34.23 13.74 -0.17
C ILE B 170 33.64 15.13 -0.03
N GLU B 171 34.48 16.09 0.34
CA GLU B 171 34.09 17.50 0.44
C GLU B 171 33.05 17.96 -0.61
N THR B 172 33.36 17.79 -1.90
CA THR B 172 32.47 18.22 -2.98
C THR B 172 31.63 17.06 -3.57
N GLY B 173 31.73 15.86 -3.02
CA GLY B 173 31.00 14.71 -3.59
C GLY B 173 31.34 14.37 -5.04
N GLN B 174 32.45 14.91 -5.52
CA GLN B 174 32.84 14.73 -6.90
C GLN B 174 33.51 13.38 -7.15
N GLN B 175 33.04 12.72 -8.20
CA GLN B 175 33.70 11.54 -8.71
C GLN B 175 34.96 12.00 -9.48
N THR B 176 36.05 12.16 -8.72
CA THR B 176 37.38 12.54 -9.24
C THR B 176 37.97 11.70 -10.38
N THR B 177 38.06 10.39 -10.19
CA THR B 177 38.57 9.48 -11.21
C THR B 177 37.64 8.29 -11.36
N THR B 178 37.57 7.71 -12.55
CA THR B 178 36.90 6.41 -12.66
C THR B 178 37.73 5.40 -13.39
N PHE B 179 37.67 4.17 -12.89
CA PHE B 179 38.44 3.06 -13.39
C PHE B 179 37.60 2.04 -14.17
N THR B 180 37.34 2.39 -15.42
CA THR B 180 36.77 1.42 -16.33
C THR B 180 37.82 0.36 -16.58
N GLY B 181 37.38 -0.80 -17.09
CA GLY B 181 38.29 -1.87 -17.42
C GLY B 181 37.69 -3.24 -17.24
N HIS B 182 37.08 -3.46 -16.08
CA HIS B 182 36.45 -4.76 -15.84
C HIS B 182 35.24 -5.01 -16.73
N THR B 183 34.97 -6.29 -16.99
CA THR B 183 33.90 -6.71 -17.91
C THR B 183 32.83 -7.59 -17.21
N GLY B 184 32.49 -7.19 -15.98
CA GLY B 184 31.67 -7.97 -15.08
C GLY B 184 31.55 -7.20 -13.78
N ASP B 185 30.54 -7.52 -13.00
CA ASP B 185 30.28 -6.76 -11.80
C ASP B 185 31.57 -6.81 -10.97
N VAL B 186 32.05 -5.67 -10.47
CA VAL B 186 33.20 -5.59 -9.55
C VAL B 186 32.76 -5.86 -8.12
N MET B 187 33.55 -6.66 -7.38
CA MET B 187 33.11 -7.28 -6.12
C MET B 187 33.85 -6.84 -4.89
N SER B 188 35.14 -7.13 -4.79
CA SER B 188 35.91 -6.58 -3.68
C SER B 188 36.95 -5.66 -4.22
N LEU B 189 37.45 -4.79 -3.37
CA LEU B 189 38.59 -4.04 -3.78
C LEU B 189 39.53 -4.01 -2.59
N SER B 190 40.84 -3.84 -2.80
CA SER B 190 41.75 -3.62 -1.69
C SER B 190 42.83 -2.58 -1.92
N LEU B 191 42.96 -1.68 -0.95
CA LEU B 191 43.96 -0.61 -1.03
C LEU B 191 45.34 -1.08 -0.67
N ALA B 192 46.29 -0.87 -1.55
CA ALA B 192 47.68 -1.01 -1.19
C ALA B 192 47.97 -0.20 0.08
N PRO B 193 49.00 -0.58 0.85
CA PRO B 193 49.23 0.08 2.14
C PRO B 193 49.79 1.50 2.02
N ASP B 194 50.73 1.71 1.10
CA ASP B 194 51.13 3.08 0.71
C ASP B 194 49.95 3.93 0.16
N THR B 195 48.91 3.25 -0.34
CA THR B 195 47.63 3.85 -0.77
C THR B 195 47.70 4.56 -2.13
N ARG B 196 48.77 4.35 -2.89
CA ARG B 196 48.83 4.86 -4.27
C ARG B 196 48.44 3.79 -5.28
N LEU B 197 48.31 2.56 -4.81
CA LEU B 197 47.78 1.49 -5.63
C LEU B 197 46.62 0.86 -4.96
N PHE B 198 45.86 0.10 -5.72
CA PHE B 198 44.83 -0.78 -5.18
C PHE B 198 44.43 -1.79 -6.25
N VAL B 199 43.93 -2.94 -5.77
CA VAL B 199 43.50 -4.01 -6.64
C VAL B 199 42.01 -4.27 -6.48
N SER B 200 41.43 -4.93 -7.47
CA SER B 200 40.04 -5.15 -7.45
C SER B 200 39.78 -6.47 -8.11
N GLY B 201 38.80 -7.20 -7.60
CA GLY B 201 38.45 -8.54 -8.09
C GLY B 201 36.99 -8.47 -8.45
N ALA B 202 36.61 -9.26 -9.45
CA ALA B 202 35.31 -9.10 -10.08
C ALA B 202 34.76 -10.41 -10.63
N CYS B 203 33.61 -10.33 -11.30
CA CYS B 203 32.90 -11.51 -11.74
C CYS B 203 33.40 -12.04 -13.06
N ASP B 204 34.16 -11.21 -13.79
CA ASP B 204 34.89 -11.64 -15.00
C ASP B 204 36.07 -12.55 -14.64
N ALA B 205 36.19 -12.88 -13.37
CA ALA B 205 37.20 -13.81 -12.87
C ALA B 205 38.61 -13.26 -13.03
N SER B 206 38.75 -11.94 -12.97
CA SER B 206 40.05 -11.31 -12.97
C SER B 206 40.20 -10.36 -11.78
N ALA B 207 41.45 -10.14 -11.41
CA ALA B 207 41.78 -9.04 -10.54
C ALA B 207 42.56 -7.99 -11.37
N LYS B 208 42.46 -6.73 -10.99
CA LYS B 208 43.21 -5.68 -11.65
C LYS B 208 43.92 -4.81 -10.66
N LEU B 209 45.06 -4.31 -11.11
CA LEU B 209 45.86 -3.40 -10.31
C LEU B 209 45.74 -1.98 -10.88
N TRP B 210 45.50 -0.98 -10.03
CA TRP B 210 45.17 0.34 -10.51
C TRP B 210 46.05 1.38 -9.84
N ASP B 211 46.41 2.41 -10.61
CA ASP B 211 47.12 3.55 -10.06
C ASP B 211 46.12 4.67 -9.70
N VAL B 212 45.93 4.86 -8.40
CA VAL B 212 45.03 5.88 -7.86
C VAL B 212 45.12 7.22 -8.59
N ARG B 213 46.36 7.69 -8.73
CA ARG B 213 46.65 9.06 -9.17
C ARG B 213 46.58 9.15 -10.70
N GLU B 214 46.98 8.09 -11.38
CA GLU B 214 46.89 8.03 -12.83
C GLU B 214 45.55 7.55 -13.34
N GLY B 215 44.77 6.87 -12.51
CA GLY B 215 43.45 6.40 -12.93
C GLY B 215 43.47 5.30 -13.98
N MET B 216 44.59 4.59 -14.05
CA MET B 216 44.78 3.56 -15.07
C MET B 216 45.03 2.21 -14.42
N CYS B 217 44.79 1.17 -15.22
CA CYS B 217 45.07 -0.20 -14.81
C CYS B 217 46.50 -0.58 -15.18
N ARG B 218 47.32 -0.87 -14.18
CA ARG B 218 48.69 -1.32 -14.42
C ARG B 218 48.77 -2.73 -14.96
N GLN B 219 48.06 -3.65 -14.31
CA GLN B 219 48.19 -5.11 -14.53
C GLN B 219 46.91 -5.91 -14.30
N THR B 220 46.83 -7.05 -14.99
CA THR B 220 45.64 -7.90 -14.89
C THR B 220 45.97 -9.39 -14.77
N PHE B 221 45.54 -9.96 -13.66
CA PHE B 221 45.86 -11.32 -13.30
C PHE B 221 44.56 -12.06 -13.48
N THR B 222 44.67 -13.29 -13.91
CA THR B 222 43.52 -14.02 -14.40
C THR B 222 43.64 -15.41 -13.80
N GLY B 223 42.94 -16.39 -14.36
CA GLY B 223 43.19 -17.79 -13.97
C GLY B 223 42.39 -18.36 -12.81
N HIS B 224 41.45 -17.57 -12.29
CA HIS B 224 40.38 -18.13 -11.50
C HIS B 224 39.34 -18.63 -12.48
N GLU B 225 38.62 -19.70 -12.14
CA GLU B 225 37.64 -20.28 -13.04
C GLU B 225 36.23 -19.64 -12.92
N SER B 226 36.07 -18.65 -12.03
CA SER B 226 34.76 -18.14 -11.65
C SER B 226 34.85 -16.79 -10.96
N ASP B 227 33.72 -16.21 -10.56
CA ASP B 227 33.69 -14.92 -9.85
C ASP B 227 34.78 -14.82 -8.77
N ILE B 228 35.25 -13.60 -8.55
CA ILE B 228 36.18 -13.34 -7.48
C ILE B 228 35.46 -12.56 -6.44
N ASN B 229 35.08 -13.21 -5.37
CA ASN B 229 34.33 -12.52 -4.35
C ASN B 229 35.19 -11.63 -3.45
N ALA B 230 36.45 -11.94 -3.21
CA ALA B 230 37.19 -11.08 -2.30
C ALA B 230 38.67 -10.98 -2.62
N ILE B 231 39.30 -9.99 -1.99
CA ILE B 231 40.66 -9.63 -2.33
C ILE B 231 41.36 -8.82 -1.22
N CYS B 232 42.67 -9.01 -1.05
N CYS B 232 42.68 -9.01 -1.10
CA CYS B 232 43.43 -8.34 0.03
CA CYS B 232 43.45 -8.42 0.01
C CYS B 232 44.93 -8.39 -0.24
C CYS B 232 44.94 -8.39 -0.30
N PHE B 233 45.59 -7.26 -0.02
CA PHE B 233 47.04 -7.13 -0.20
C PHE B 233 47.86 -7.88 0.83
N PHE B 234 48.99 -8.38 0.37
CA PHE B 234 49.99 -8.89 1.26
C PHE B 234 50.58 -7.64 1.92
N PRO B 235 50.87 -7.70 3.23
CA PRO B 235 51.18 -6.46 3.92
C PRO B 235 52.31 -5.64 3.30
N ASN B 236 53.32 -6.27 2.70
CA ASN B 236 54.44 -5.50 2.13
C ASN B 236 54.07 -4.64 0.91
N GLY B 237 52.94 -4.96 0.27
CA GLY B 237 52.47 -4.21 -0.89
C GLY B 237 52.82 -4.81 -2.24
N ASN B 238 53.25 -6.06 -2.29
CA ASN B 238 53.76 -6.64 -3.55
C ASN B 238 53.00 -7.80 -4.12
N ALA B 239 51.98 -8.22 -3.40
CA ALA B 239 51.25 -9.38 -3.79
C ALA B 239 49.95 -9.35 -3.06
N PHE B 240 48.96 -10.03 -3.61
CA PHE B 240 47.63 -10.03 -3.05
C PHE B 240 47.02 -11.39 -3.28
N ALA B 241 46.11 -11.72 -2.38
CA ALA B 241 45.35 -12.93 -2.49
C ALA B 241 43.95 -12.59 -2.92
N THR B 242 43.34 -13.53 -3.62
CA THR B 242 41.97 -13.43 -4.05
C THR B 242 41.25 -14.68 -3.64
N GLY B 243 39.98 -14.56 -3.32
CA GLY B 243 39.15 -15.73 -3.09
C GLY B 243 38.03 -15.77 -4.07
N SER B 244 37.75 -16.97 -4.58
CA SER B 244 36.78 -17.12 -5.66
C SER B 244 35.64 -18.02 -5.32
N ASP B 245 34.64 -17.96 -6.18
CA ASP B 245 33.52 -18.86 -6.16
C ASP B 245 34.01 -20.26 -6.53
N ASP B 246 35.14 -20.36 -7.22
CA ASP B 246 35.66 -21.66 -7.68
C ASP B 246 36.34 -22.51 -6.60
N ALA B 247 36.23 -22.07 -5.33
CA ALA B 247 36.62 -22.86 -4.17
C ALA B 247 38.12 -22.83 -3.86
N THR B 248 38.82 -21.93 -4.54
CA THR B 248 40.23 -21.74 -4.28
C THR B 248 40.54 -20.34 -3.80
N CYS B 249 41.70 -20.16 -3.19
CA CYS B 249 42.28 -18.85 -3.00
C CYS B 249 43.47 -18.86 -3.87
N ARG B 250 44.04 -17.71 -4.20
CA ARG B 250 45.21 -17.63 -5.08
C ARG B 250 46.03 -16.45 -4.71
N LEU B 251 47.34 -16.64 -4.60
CA LEU B 251 48.24 -15.58 -4.31
C LEU B 251 48.82 -15.16 -5.61
N PHE B 252 48.87 -13.87 -5.87
CA PHE B 252 49.51 -13.37 -7.06
C PHE B 252 50.58 -12.39 -6.68
N ASP B 253 51.77 -12.51 -7.30
CA ASP B 253 52.80 -11.49 -7.10
C ASP B 253 52.65 -10.47 -8.17
N LEU B 254 52.80 -9.21 -7.76
CA LEU B 254 52.79 -8.06 -8.67
C LEU B 254 53.99 -8.11 -9.60
N ARG B 255 55.17 -8.08 -9.00
CA ARG B 255 56.44 -7.95 -9.73
C ARG B 255 56.83 -9.07 -10.73
N ALA B 256 56.41 -10.30 -10.45
CA ALA B 256 56.57 -11.42 -11.37
C ALA B 256 55.39 -11.48 -12.29
N ASP B 257 54.43 -10.57 -12.08
CA ASP B 257 53.17 -10.50 -12.81
C ASP B 257 52.49 -11.85 -12.99
N GLN B 258 52.18 -12.54 -11.90
CA GLN B 258 51.50 -13.82 -12.04
C GLN B 258 51.14 -14.48 -10.75
N GLU B 259 50.40 -15.56 -10.92
CA GLU B 259 50.01 -16.43 -9.85
C GLU B 259 51.24 -17.11 -9.30
N LEU B 260 51.29 -17.27 -7.98
CA LEU B 260 52.37 -17.94 -7.33
C LEU B 260 52.01 -19.23 -6.67
N MET B 261 50.73 -19.42 -6.35
CA MET B 261 50.34 -20.44 -5.40
C MET B 261 48.83 -20.50 -5.39
N THR B 262 48.31 -21.71 -5.28
CA THR B 262 46.89 -21.94 -5.17
C THR B 262 46.58 -22.60 -3.83
N TYR B 263 45.55 -22.11 -3.15
CA TYR B 263 45.15 -22.70 -1.90
C TYR B 263 43.81 -23.42 -2.04
N SER B 264 43.82 -24.74 -1.89
CA SER B 264 42.63 -25.53 -2.08
C SER B 264 42.83 -26.96 -1.68
N HIS B 265 41.71 -27.68 -1.56
CA HIS B 265 41.74 -29.13 -1.40
C HIS B 265 40.55 -29.73 -2.12
N ASP B 266 40.56 -31.06 -2.30
CA ASP B 266 39.44 -31.78 -2.95
C ASP B 266 38.19 -31.77 -2.07
N ASN B 267 38.40 -31.89 -0.76
CA ASN B 267 37.30 -31.87 0.20
C ASN B 267 36.44 -30.62 0.09
N ILE B 268 37.07 -29.48 -0.19
CA ILE B 268 36.39 -28.17 -0.25
C ILE B 268 35.76 -27.87 -1.60
N ILE B 269 34.44 -27.79 -1.63
CA ILE B 269 33.79 -27.33 -2.85
C ILE B 269 33.09 -25.98 -2.75
N CYS B 270 32.76 -25.54 -1.54
N CYS B 270 32.78 -25.54 -1.53
CA CYS B 270 32.01 -24.31 -1.36
CA CYS B 270 32.03 -24.31 -1.35
C CYS B 270 32.85 -23.11 -1.75
C CYS B 270 32.85 -23.10 -1.73
N GLY B 271 32.19 -22.02 -2.12
CA GLY B 271 32.89 -20.83 -2.56
C GLY B 271 33.47 -20.01 -1.44
N ILE B 272 34.38 -19.12 -1.79
CA ILE B 272 35.04 -18.25 -0.80
C ILE B 272 34.34 -16.91 -0.83
N THR B 273 34.26 -16.25 0.33
CA THR B 273 33.58 -14.97 0.45
C THR B 273 34.45 -13.83 0.96
N SER B 274 35.50 -14.14 1.73
CA SER B 274 36.41 -13.09 2.17
C SER B 274 37.79 -13.63 2.48
N VAL B 275 38.80 -12.75 2.44
CA VAL B 275 40.22 -13.04 2.76
C VAL B 275 40.96 -11.90 3.52
N SER B 276 42.10 -12.21 4.12
CA SER B 276 42.85 -11.23 4.92
C SER B 276 44.11 -11.88 5.35
N PHE B 277 45.23 -11.20 5.30
CA PHE B 277 46.42 -11.82 5.86
C PHE B 277 46.57 -11.50 7.33
N SER B 278 47.35 -12.34 8.00
CA SER B 278 47.81 -12.02 9.34
C SER B 278 48.78 -10.87 9.17
N LYS B 279 49.43 -10.43 10.23
CA LYS B 279 50.27 -9.23 10.17
C LYS B 279 51.49 -9.42 9.30
N SER B 280 52.14 -10.58 9.49
CA SER B 280 53.38 -10.92 8.79
C SER B 280 53.10 -11.41 7.38
N GLY B 281 51.85 -11.69 7.10
CA GLY B 281 51.47 -12.17 5.78
C GLY B 281 51.66 -13.67 5.70
N ARG B 282 52.05 -14.29 6.79
CA ARG B 282 52.31 -15.70 6.73
C ARG B 282 51.00 -16.48 6.68
N LEU B 283 50.00 -15.98 7.37
CA LEU B 283 48.70 -16.65 7.43
C LEU B 283 47.72 -15.99 6.49
N LEU B 284 47.13 -16.79 5.61
CA LEU B 284 46.01 -16.36 4.78
C LEU B 284 44.63 -16.87 5.27
N LEU B 285 43.86 -16.02 5.96
CA LEU B 285 42.55 -16.42 6.46
C LEU B 285 41.56 -16.23 5.36
N ALA B 286 40.79 -17.27 5.08
CA ALA B 286 39.70 -17.17 4.14
C ALA B 286 38.36 -17.64 4.72
N GLY B 287 37.31 -16.87 4.44
CA GLY B 287 35.95 -17.23 4.80
C GLY B 287 35.19 -17.94 3.71
N TYR B 288 34.61 -19.07 4.07
CA TYR B 288 33.98 -19.95 3.11
C TYR B 288 32.46 -19.94 3.28
N ASP B 289 31.79 -20.72 2.45
CA ASP B 289 30.35 -20.67 2.33
C ASP B 289 29.77 -21.93 2.94
N ASP B 290 30.56 -22.61 3.75
CA ASP B 290 30.14 -23.80 4.47
C ASP B 290 30.15 -23.49 5.95
N PHE B 291 30.44 -22.24 6.29
CA PHE B 291 30.29 -21.65 7.65
C PHE B 291 31.64 -21.69 8.42
N ASN B 292 32.70 -22.03 7.71
CA ASN B 292 34.02 -22.03 8.32
C ASN B 292 34.85 -20.93 7.74
N CYS B 293 35.75 -20.42 8.56
CA CYS B 293 36.89 -19.75 7.99
C CYS B 293 37.97 -20.83 7.97
N ASN B 294 38.65 -21.04 6.85
CA ASN B 294 39.89 -21.82 6.89
C ASN B 294 41.11 -20.92 7.00
N VAL B 295 42.04 -21.31 7.86
CA VAL B 295 43.33 -20.63 7.94
C VAL B 295 44.34 -21.36 7.09
N TRP B 296 45.09 -20.60 6.29
CA TRP B 296 46.10 -21.16 5.40
C TRP B 296 47.45 -20.58 5.72
N ASP B 297 48.47 -21.46 5.61
CA ASP B 297 49.86 -21.05 5.49
C ASP B 297 50.06 -20.45 4.09
N ALA B 298 50.45 -19.18 4.01
CA ALA B 298 50.62 -18.51 2.71
C ALA B 298 51.78 -19.10 1.91
N LEU B 299 52.91 -19.28 2.60
CA LEU B 299 54.16 -19.67 1.99
C LEU B 299 54.18 -21.13 1.57
N LYS B 300 53.52 -22.00 2.33
CA LYS B 300 53.49 -23.42 1.97
C LYS B 300 52.17 -23.85 1.33
N ALA B 301 51.05 -23.32 1.81
CA ALA B 301 49.73 -23.62 1.25
C ALA B 301 49.09 -24.91 1.76
N ASP B 302 49.33 -25.24 3.01
CA ASP B 302 48.65 -26.34 3.66
C ASP B 302 47.64 -25.67 4.50
N ARG B 303 46.52 -26.35 4.73
CA ARG B 303 45.49 -25.80 5.59
C ARG B 303 45.90 -25.92 7.05
N ALA B 304 46.24 -24.81 7.69
CA ALA B 304 46.80 -24.85 9.06
C ALA B 304 45.78 -24.76 10.19
N GLY B 305 44.59 -24.30 9.86
CA GLY B 305 43.60 -24.13 10.88
C GLY B 305 42.24 -23.87 10.28
N VAL B 306 41.23 -24.00 11.13
CA VAL B 306 39.86 -23.72 10.78
C VAL B 306 39.26 -22.90 11.93
N LEU B 307 38.47 -21.88 11.63
CA LEU B 307 37.64 -21.21 12.65
C LEU B 307 36.21 -21.60 12.41
N ALA B 308 35.84 -22.76 12.99
CA ALA B 308 34.45 -23.24 12.96
C ALA B 308 33.67 -22.55 14.08
N GLY B 309 32.43 -22.17 13.80
CA GLY B 309 31.64 -21.47 14.79
C GLY B 309 30.28 -21.11 14.26
N HIS B 310 30.28 -20.31 13.20
CA HIS B 310 29.02 -19.81 12.68
C HIS B 310 28.20 -20.92 12.08
N ASP B 311 26.89 -20.71 12.02
CA ASP B 311 25.93 -21.69 11.53
C ASP B 311 25.44 -21.43 10.12
N ASN B 312 25.88 -20.33 9.52
CA ASN B 312 25.62 -20.09 8.11
C ASN B 312 26.82 -19.40 7.49
N ARG B 313 26.78 -19.19 6.18
CA ARG B 313 27.83 -18.52 5.46
C ARG B 313 28.62 -17.54 6.32
N VAL B 314 29.95 -17.56 6.22
CA VAL B 314 30.77 -16.48 6.75
C VAL B 314 30.91 -15.44 5.66
N SER B 315 30.31 -14.29 5.86
CA SER B 315 30.21 -13.31 4.82
C SER B 315 31.45 -12.47 4.75
N CYS B 316 32.20 -12.38 5.84
CA CYS B 316 33.28 -11.40 5.94
C CYS B 316 34.22 -11.57 7.12
N LEU B 317 35.39 -10.97 7.02
CA LEU B 317 36.39 -11.06 8.09
C LEU B 317 37.50 -10.06 7.91
N GLY B 318 38.33 -9.93 8.94
CA GLY B 318 39.48 -9.08 8.87
C GLY B 318 40.35 -9.26 10.09
N VAL B 319 41.62 -8.96 9.91
CA VAL B 319 42.55 -8.96 11.01
C VAL B 319 42.83 -7.53 11.41
N THR B 320 43.16 -7.34 12.67
CA THR B 320 43.33 -5.99 13.20
C THR B 320 44.71 -5.44 12.88
N ASP B 321 44.81 -4.13 12.65
CA ASP B 321 46.10 -3.52 12.25
C ASP B 321 47.31 -3.87 13.12
N ASP B 322 47.06 -4.10 14.39
CA ASP B 322 48.06 -4.54 15.37
C ASP B 322 48.36 -6.06 15.31
N GLY B 323 47.43 -6.85 14.78
CA GLY B 323 47.69 -8.26 14.57
C GLY B 323 47.04 -9.14 15.60
N MET B 324 46.44 -8.54 16.61
CA MET B 324 45.89 -9.33 17.73
C MET B 324 44.74 -10.27 17.34
N ALA B 325 43.73 -9.78 16.64
CA ALA B 325 42.51 -10.54 16.46
C ALA B 325 42.01 -10.64 15.04
N VAL B 326 41.13 -11.62 14.85
CA VAL B 326 40.38 -11.80 13.61
C VAL B 326 38.89 -11.55 13.85
N ALA B 327 38.24 -10.73 13.05
CA ALA B 327 36.79 -10.61 13.20
C ALA B 327 36.10 -11.45 12.13
N THR B 328 34.86 -11.87 12.36
CA THR B 328 34.15 -12.63 11.34
C THR B 328 32.67 -12.43 11.41
N GLY B 329 32.08 -11.86 10.37
CA GLY B 329 30.64 -11.81 10.23
C GLY B 329 30.04 -12.99 9.45
N SER B 330 28.72 -13.18 9.63
CA SER B 330 28.00 -14.26 9.00
C SER B 330 26.56 -13.91 8.72
N TRP B 331 25.93 -14.82 8.00
CA TRP B 331 24.52 -14.80 7.72
C TRP B 331 23.71 -15.22 8.91
N ASP B 332 24.38 -15.76 9.93
CA ASP B 332 23.69 -16.14 11.15
C ASP B 332 23.48 -14.94 12.08
N SER B 333 23.89 -13.77 11.62
CA SER B 333 23.60 -12.49 12.25
C SER B 333 24.59 -12.09 13.34
N PHE B 334 25.68 -12.85 13.50
CA PHE B 334 26.76 -12.48 14.45
C PHE B 334 28.10 -12.15 13.83
N LEU B 335 28.82 -11.30 14.55
CA LEU B 335 30.27 -11.23 14.48
C LEU B 335 30.90 -11.99 15.63
N LYS B 336 32.10 -12.48 15.39
CA LYS B 336 32.88 -13.12 16.41
C LYS B 336 34.32 -12.74 16.22
N ILE B 337 35.00 -12.58 17.34
CA ILE B 337 36.41 -12.22 17.44
C ILE B 337 37.24 -13.43 17.89
N TRP B 338 38.45 -13.61 17.37
CA TRP B 338 39.26 -14.79 17.69
C TRP B 338 40.72 -14.44 17.81
N ASN B 339 41.32 -14.89 18.91
CA ASN B 339 42.76 -15.15 19.02
C ASN B 339 42.82 -16.64 19.08
N ALA C 7 32.37 -4.11 -31.16
CA ALA C 7 31.45 -3.24 -31.97
C ALA C 7 32.17 -1.98 -32.51
N SER C 8 32.79 -1.25 -31.59
CA SER C 8 33.32 0.08 -31.87
C SER C 8 34.81 0.07 -32.10
N ILE C 9 35.27 0.92 -33.00
CA ILE C 9 36.68 1.01 -33.33
C ILE C 9 37.52 1.56 -32.18
N ALA C 10 37.02 2.61 -31.54
CA ALA C 10 37.77 3.26 -30.47
C ALA C 10 37.90 2.39 -29.25
N GLN C 11 36.98 1.43 -29.06
CA GLN C 11 37.08 0.45 -27.96
C GLN C 11 38.25 -0.50 -28.18
N ALA C 12 38.21 -1.20 -29.32
CA ALA C 12 39.28 -2.11 -29.71
C ALA C 12 40.63 -1.43 -29.55
N ARG C 13 40.71 -0.15 -29.94
CA ARG C 13 41.92 0.70 -29.80
C ARG C 13 42.36 0.90 -28.38
N LYS C 14 41.43 1.30 -27.52
CA LYS C 14 41.78 1.56 -26.14
C LYS C 14 42.30 0.27 -25.51
N LEU C 15 41.69 -0.86 -25.87
CA LEU C 15 42.04 -2.17 -25.30
C LEU C 15 43.48 -2.55 -25.64
N VAL C 16 43.79 -2.50 -26.92
CA VAL C 16 45.14 -2.68 -27.41
C VAL C 16 46.12 -1.77 -26.70
N GLU C 17 45.77 -0.50 -26.48
CA GLU C 17 46.73 0.41 -25.81
C GLU C 17 47.02 -0.09 -24.42
N GLN C 18 45.97 -0.47 -23.71
CA GLN C 18 46.05 -1.17 -22.43
C GLN C 18 47.00 -2.38 -22.48
N LEU C 19 46.74 -3.32 -23.37
CA LEU C 19 47.56 -4.51 -23.48
C LEU C 19 49.04 -4.18 -23.75
N LYS C 20 49.31 -3.11 -24.47
CA LYS C 20 50.69 -2.68 -24.67
C LYS C 20 51.28 -2.25 -23.36
N MET C 21 50.65 -1.25 -22.75
CA MET C 21 50.93 -0.83 -21.39
C MET C 21 51.28 -1.98 -20.45
N GLU C 22 50.38 -2.99 -20.41
CA GLU C 22 50.50 -4.18 -19.55
C GLU C 22 51.67 -5.02 -19.92
N ALA C 23 51.92 -5.22 -21.22
CA ALA C 23 53.11 -5.96 -21.71
C ALA C 23 54.44 -5.29 -21.37
N ASN C 24 54.53 -3.97 -21.48
CA ASN C 24 55.80 -3.29 -21.18
C ASN C 24 55.95 -2.81 -19.76
N ILE C 25 56.20 -3.79 -18.89
CA ILE C 25 56.57 -3.57 -17.52
C ILE C 25 57.72 -4.49 -17.27
N ASP C 26 58.54 -4.16 -16.27
CA ASP C 26 59.70 -4.97 -15.94
C ASP C 26 59.26 -6.06 -15.02
N ARG C 27 59.30 -7.28 -15.51
CA ARG C 27 58.99 -8.42 -14.66
C ARG C 27 60.26 -8.90 -13.99
N ILE C 28 60.10 -9.83 -13.04
CA ILE C 28 61.22 -10.38 -12.29
C ILE C 28 61.03 -11.88 -12.12
N LYS C 29 62.14 -12.60 -11.94
CA LYS C 29 62.09 -14.03 -11.83
C LYS C 29 61.17 -14.38 -10.69
N VAL C 30 60.33 -15.38 -10.87
CA VAL C 30 59.39 -15.77 -9.81
C VAL C 30 60.17 -16.01 -8.51
N SER C 31 61.29 -16.71 -8.66
CA SER C 31 62.15 -17.07 -7.55
C SER C 31 62.60 -15.87 -6.71
N LYS C 32 62.83 -14.73 -7.36
CA LYS C 32 63.23 -13.53 -6.65
C LYS C 32 62.09 -13.01 -5.78
N ALA C 33 60.90 -12.94 -6.36
CA ALA C 33 59.75 -12.33 -5.68
C ALA C 33 59.30 -13.23 -4.55
N ALA C 34 59.34 -14.54 -4.82
CA ALA C 34 59.01 -15.55 -3.84
C ALA C 34 59.97 -15.50 -2.65
N ALA C 35 61.25 -15.39 -2.97
CA ALA C 35 62.29 -15.23 -1.96
C ALA C 35 62.01 -14.01 -1.13
N ASP C 36 61.74 -12.91 -1.81
CA ASP C 36 61.45 -11.67 -1.11
C ASP C 36 60.23 -11.73 -0.19
N LEU C 37 59.27 -12.59 -0.49
CA LEU C 37 58.12 -12.73 0.36
C LEU C 37 58.44 -13.49 1.61
N MET C 38 59.12 -14.61 1.41
CA MET C 38 59.51 -15.46 2.49
C MET C 38 60.34 -14.66 3.46
N ALA C 39 61.22 -13.86 2.89
CA ALA C 39 61.99 -12.88 3.64
C ALA C 39 61.13 -12.04 4.59
N TYR C 40 60.20 -11.26 4.02
CA TYR C 40 59.24 -10.48 4.80
C TYR C 40 58.61 -11.31 5.94
N CYS C 41 58.27 -12.55 5.64
CA CYS C 41 57.52 -13.38 6.56
C CYS C 41 58.32 -13.80 7.76
N GLU C 42 59.60 -14.07 7.55
CA GLU C 42 60.49 -14.24 8.68
C GLU C 42 60.69 -12.90 9.40
N ALA C 43 61.12 -11.88 8.66
CA ALA C 43 61.44 -10.56 9.26
C ALA C 43 60.39 -10.04 10.27
N HIS C 44 59.14 -10.51 10.15
CA HIS C 44 58.07 -10.04 11.00
C HIS C 44 57.34 -11.10 11.79
N ALA C 45 57.73 -12.37 11.68
CA ALA C 45 57.07 -13.42 12.50
C ALA C 45 57.18 -13.10 14.01
N LYS C 46 58.19 -12.30 14.35
CA LYS C 46 58.39 -11.75 15.69
C LYS C 46 57.23 -10.85 16.16
N GLU C 47 56.65 -10.06 15.26
CA GLU C 47 55.63 -9.05 15.62
C GLU C 47 54.21 -9.42 15.15
N ASP C 48 53.87 -10.72 15.13
CA ASP C 48 52.61 -11.20 14.61
C ASP C 48 51.96 -12.14 15.63
N PRO C 49 50.99 -11.63 16.40
CA PRO C 49 50.37 -12.36 17.51
C PRO C 49 49.63 -13.66 17.18
N LEU C 50 49.33 -13.89 15.91
CA LEU C 50 48.56 -15.07 15.53
C LEU C 50 49.50 -16.23 15.26
N LEU C 51 50.79 -15.90 15.20
CA LEU C 51 51.83 -16.80 14.78
C LEU C 51 52.62 -17.20 16.01
N THR C 52 53.17 -16.19 16.67
CA THR C 52 53.91 -16.36 17.91
C THR C 52 52.99 -15.96 19.08
N PRO C 53 52.40 -16.96 19.77
CA PRO C 53 51.32 -16.63 20.72
C PRO C 53 51.79 -15.75 21.89
N VAL C 54 51.37 -14.48 21.91
CA VAL C 54 51.75 -13.56 22.99
C VAL C 54 50.74 -13.68 24.16
N PRO C 55 51.22 -14.07 25.35
CA PRO C 55 50.35 -14.52 26.44
C PRO C 55 49.44 -13.45 27.03
N ALA C 56 48.47 -13.92 27.82
CA ALA C 56 47.27 -13.18 28.21
C ALA C 56 47.44 -11.73 28.73
N SER C 57 48.58 -11.42 29.35
CA SER C 57 48.82 -10.09 29.90
C SER C 57 48.82 -9.00 28.81
N GLU C 58 49.39 -9.33 27.65
CA GLU C 58 49.48 -8.39 26.52
C GLU C 58 48.31 -8.48 25.53
N ASN C 59 47.46 -9.50 25.70
CA ASN C 59 46.35 -9.82 24.79
C ASN C 59 45.04 -9.21 25.31
N PRO C 60 44.57 -8.11 24.68
CA PRO C 60 43.38 -7.41 25.18
C PRO C 60 42.12 -8.23 25.35
N PHE C 61 42.10 -9.50 24.94
CA PHE C 61 40.84 -10.25 24.96
C PHE C 61 40.70 -11.35 26.02
N ARG C 62 41.82 -11.95 26.44
CA ARG C 62 41.74 -13.29 27.02
C ARG C 62 40.88 -13.40 28.30
N GLU C 63 41.39 -12.93 29.43
CA GLU C 63 40.66 -13.02 30.70
C GLU C 63 40.46 -11.62 31.27
N LYS C 64 40.57 -10.64 30.38
CA LYS C 64 40.75 -9.24 30.75
C LYS C 64 39.41 -8.55 31.05
N LYS C 65 39.48 -7.40 31.70
CA LYS C 65 38.33 -6.50 31.86
C LYS C 65 38.72 -5.01 32.07
N PHE C 66 40.03 -4.71 32.15
CA PHE C 66 40.53 -3.34 32.45
C PHE C 66 40.83 -2.47 31.19
N PHE C 67 39.82 -1.66 30.78
CA PHE C 67 39.84 -0.86 29.54
C PHE C 67 39.40 0.59 29.77
N SER C 68 39.94 1.53 28.99
CA SER C 68 39.61 2.97 29.14
C SER C 68 38.18 3.23 29.61
#